data_5EB5
#
_entry.id   5EB5
#
_cell.length_a   68.364
_cell.length_b   95.161
_cell.length_c   92.190
_cell.angle_alpha   90.00
_cell.angle_beta   90.01
_cell.angle_gamma   90.00
#
_symmetry.space_group_name_H-M   'P 1 21 1'
#
loop_
_entity.id
_entity.type
_entity.pdbx_description
1 polymer 'Hnl isoenzyme 5'
2 branched 2-acetamido-2-deoxy-beta-D-glucopyranose-(1-4)-2-acetamido-2-deoxy-beta-D-glucopyranose
3 non-polymer 'FLAVIN-ADENINE DINUCLEOTIDE'
4 non-polymer 2-acetamido-2-deoxy-beta-D-glucopyranose
5 non-polymer phenylmethanol
6 water water
#
_entity_poly.entity_id   1
_entity_poly.type   'polypeptide(L)'
_entity_poly.pdbx_seq_one_letter_code
;LANTSAHDFSYLKFVYNATDTSSEGSYDYIVIGGGTSGCPLAATLSEKYKVLLLERGTIATEYPNTLTADGFAYNLQQQD
DGKTPVERFVSEDGIDNVRARILGGTTIINAGVYARANISFYSQTGIEWDLDLVNKTYEWVEDAIVVKPNNQSWQSVIGE
GFLEAGILPDNGFSLDHEAGTRLTGSTFDNNGTRHAADELLNKGDPNNLLVAVQASVEKILFSSNTSNLSAIGVIYTDSD
GNSHQAFVRGNGEVIVSAGTIGTPQLLLLSGVGPESYLSSLNITVVQPNPYVGQFVYDNPRNFINILPPNPIEASVATVL
GIRSDYYQVSLSSLPFSTPPFSLFPTTSYPLPNSTFAHIVSQVPGPLSHGSVTLNSSSDVRIAPNIKFNYYSNSTDLANC
VSGMKKLGDLLRTKALEPYKARDVLGIDGFNYLGVPLPENQTDDASFETFCLDNVASYWHYHGGSLVGKVLDDSFRVMGI
KALRVVDASTFPYEPNSHPQGFYLMLGRYVGLQILQERSIRLEAIHNIQESM
;
_entity_poly.pdbx_strand_id   A,B
#
# COMPACT_ATOMS: atom_id res chain seq x y z
N ALA A 2 -36.90 -15.51 -2.04
CA ALA A 2 -36.64 -15.41 -3.50
C ALA A 2 -35.63 -16.45 -3.98
N ASN A 3 -35.55 -16.61 -5.29
CA ASN A 3 -34.61 -17.53 -5.93
C ASN A 3 -33.57 -16.80 -6.78
N THR A 4 -32.69 -17.58 -7.43
CA THR A 4 -31.64 -17.03 -8.29
C THR A 4 -32.19 -16.65 -9.67
N SER A 5 -32.13 -15.35 -9.98
CA SER A 5 -32.56 -14.79 -11.28
C SER A 5 -31.77 -13.51 -11.61
N ALA A 6 -31.95 -13.02 -12.84
CA ALA A 6 -31.35 -11.75 -13.28
C ALA A 6 -32.08 -10.56 -12.67
N HIS A 7 -31.41 -9.40 -12.66
CA HIS A 7 -32.00 -8.15 -12.15
C HIS A 7 -33.17 -7.71 -13.01
N ASP A 8 -34.35 -7.64 -12.40
CA ASP A 8 -35.60 -7.31 -13.09
C ASP A 8 -35.69 -5.82 -13.42
N PHE A 9 -35.77 -5.52 -14.70
CA PHE A 9 -35.87 -4.15 -15.20
C PHE A 9 -37.16 -3.88 -15.98
N SER A 10 -38.23 -4.62 -15.64
CA SER A 10 -39.55 -4.43 -16.24
C SER A 10 -40.16 -3.06 -15.90
N TYR A 11 -39.74 -2.50 -14.77
CA TYR A 11 -40.22 -1.20 -14.29
C TYR A 11 -39.85 -0.03 -15.21
N LEU A 12 -38.82 -0.23 -16.04
CA LEU A 12 -38.30 0.80 -16.96
C LEU A 12 -39.29 1.35 -17.99
N LYS A 13 -40.40 0.63 -18.21
CA LYS A 13 -41.47 1.09 -19.09
C LYS A 13 -42.18 2.36 -18.60
N PHE A 14 -42.21 2.55 -17.28
CA PHE A 14 -42.72 3.79 -16.67
C PHE A 14 -41.64 4.67 -16.04
N VAL A 15 -40.43 4.61 -16.60
CA VAL A 15 -39.30 5.43 -16.16
C VAL A 15 -38.96 6.47 -17.23
N TYR A 16 -39.02 7.74 -16.84
CA TYR A 16 -38.72 8.86 -17.73
C TYR A 16 -37.65 9.76 -17.12
N ASN A 17 -36.85 10.38 -17.97
CA ASN A 17 -36.02 11.51 -17.57
C ASN A 17 -36.93 12.70 -17.25
N ALA A 18 -36.56 13.46 -16.22
CA ALA A 18 -37.33 14.62 -15.77
C ALA A 18 -37.52 15.71 -16.83
N THR A 19 -36.67 15.66 -17.86
CA THR A 19 -36.76 16.55 -19.04
C THR A 19 -38.03 16.28 -19.86
N ASP A 20 -38.50 15.04 -19.84
CA ASP A 20 -39.67 14.61 -20.62
C ASP A 20 -40.99 14.53 -19.82
N THR A 21 -40.98 15.06 -18.61
CA THR A 21 -42.19 15.16 -17.77
C THR A 21 -42.85 16.52 -17.95
N SER A 22 -44.11 16.62 -17.52
CA SER A 22 -44.90 17.85 -17.60
C SER A 22 -44.31 19.00 -16.78
N SER A 23 -44.51 20.23 -17.27
CA SER A 23 -44.12 21.45 -16.57
C SER A 23 -44.94 21.62 -15.27
N GLU A 24 -46.24 21.33 -15.36
CA GLU A 24 -47.13 21.31 -14.20
C GLU A 24 -47.85 19.96 -14.13
N GLY A 25 -47.46 19.15 -13.17
CA GLY A 25 -48.02 17.81 -12.99
C GLY A 25 -49.02 17.71 -11.84
N SER A 26 -49.83 16.65 -11.87
CA SER A 26 -50.81 16.37 -10.82
C SER A 26 -50.90 14.87 -10.55
N TYR A 27 -50.67 14.50 -9.30
CA TYR A 27 -50.69 13.10 -8.86
C TYR A 27 -51.39 12.99 -7.50
N ASP A 28 -51.77 11.77 -7.10
CA ASP A 28 -52.33 11.53 -5.77
C ASP A 28 -51.26 11.59 -4.69
N TYR A 29 -50.11 10.98 -4.95
CA TYR A 29 -48.99 10.96 -4.00
C TYR A 29 -47.66 11.27 -4.71
N ILE A 30 -46.84 12.11 -4.08
CA ILE A 30 -45.50 12.42 -4.58
C ILE A 30 -44.46 11.93 -3.57
N VAL A 31 -43.60 11.02 -4.02
CA VAL A 31 -42.52 10.49 -3.19
C VAL A 31 -41.18 11.03 -3.71
N ILE A 32 -40.43 11.67 -2.82
CA ILE A 32 -39.12 12.24 -3.14
C ILE A 32 -38.03 11.26 -2.73
N GLY A 33 -37.16 10.91 -3.67
CA GLY A 33 -36.07 9.95 -3.44
C GLY A 33 -36.51 8.51 -3.60
N GLY A 34 -36.13 7.92 -4.73
CA GLY A 34 -36.42 6.52 -5.02
C GLY A 34 -35.34 5.61 -4.46
N GLY A 35 -35.35 5.46 -3.14
CA GLY A 35 -34.35 4.67 -2.44
C GLY A 35 -34.87 3.44 -1.74
N THR A 36 -34.26 3.11 -0.60
CA THR A 36 -34.55 1.92 0.20
C THR A 36 -36.00 1.89 0.70
N SER A 37 -36.51 3.05 1.11
CA SER A 37 -37.90 3.17 1.54
C SER A 37 -38.80 3.77 0.45
N GLY A 38 -38.23 4.63 -0.39
CA GLY A 38 -38.96 5.34 -1.46
C GLY A 38 -39.55 4.44 -2.53
N CYS A 39 -38.75 3.48 -3.00
CA CYS A 39 -39.16 2.51 -4.03
C CYS A 39 -40.32 1.58 -3.62
N PRO A 40 -40.25 0.94 -2.42
CA PRO A 40 -41.43 0.15 -2.03
C PRO A 40 -42.66 0.98 -1.66
N LEU A 41 -42.46 2.21 -1.17
CA LEU A 41 -43.55 3.11 -0.79
C LEU A 41 -44.38 3.54 -2.01
N ALA A 42 -43.69 4.03 -3.04
CA ALA A 42 -44.30 4.44 -4.31
C ALA A 42 -45.07 3.28 -4.96
N ALA A 43 -44.49 2.09 -4.90
CA ALA A 43 -45.08 0.87 -5.47
C ALA A 43 -46.34 0.40 -4.73
N THR A 44 -46.32 0.51 -3.40
CA THR A 44 -47.45 0.13 -2.55
C THR A 44 -48.63 1.08 -2.75
N LEU A 45 -48.34 2.38 -2.77
CA LEU A 45 -49.34 3.42 -2.98
C LEU A 45 -49.95 3.41 -4.39
N SER A 46 -49.19 2.90 -5.36
CA SER A 46 -49.64 2.82 -6.76
C SER A 46 -50.70 1.75 -7.03
N GLU A 47 -50.89 0.85 -6.06
CA GLU A 47 -51.90 -0.22 -6.15
C GLU A 47 -53.35 0.31 -6.19
N LYS A 48 -53.55 1.54 -5.70
CA LYS A 48 -54.86 2.19 -5.70
C LYS A 48 -54.89 3.63 -6.25
N TYR A 49 -53.76 4.32 -6.19
CA TYR A 49 -53.67 5.76 -6.55
C TYR A 49 -52.48 6.10 -7.46
N LYS A 50 -52.59 7.22 -8.16
CA LYS A 50 -51.54 7.69 -9.09
C LYS A 50 -50.36 8.29 -8.33
N VAL A 51 -49.17 7.71 -8.54
CA VAL A 51 -47.97 8.07 -7.78
C VAL A 51 -46.85 8.59 -8.69
N LEU A 52 -46.22 9.69 -8.27
CA LEU A 52 -44.98 10.17 -8.86
C LEU A 52 -43.81 9.90 -7.92
N LEU A 53 -42.80 9.20 -8.43
CA LEU A 53 -41.54 9.01 -7.73
C LEU A 53 -40.45 9.82 -8.43
N LEU A 54 -39.77 10.66 -7.65
CA LEU A 54 -38.73 11.54 -8.16
C LEU A 54 -37.36 11.13 -7.63
N GLU A 55 -36.37 11.10 -8.52
CA GLU A 55 -35.01 10.68 -8.17
C GLU A 55 -33.97 11.58 -8.84
N ARG A 56 -33.03 12.08 -8.04
CA ARG A 56 -31.97 12.96 -8.52
C ARG A 56 -30.94 12.23 -9.39
N GLY A 57 -30.75 10.93 -9.12
CA GLY A 57 -29.81 10.10 -9.87
C GLY A 57 -30.41 9.47 -11.12
N THR A 58 -29.55 8.82 -11.90
CA THR A 58 -29.94 8.14 -13.14
C THR A 58 -30.38 6.68 -12.88
N ILE A 59 -30.63 5.93 -13.96
CA ILE A 59 -30.95 4.49 -13.86
C ILE A 59 -29.68 3.63 -13.76
N ALA A 60 -29.82 2.50 -13.06
CA ALA A 60 -28.69 1.63 -12.71
C ALA A 60 -27.98 0.94 -13.89
N THR A 61 -28.67 0.80 -15.02
CA THR A 61 -28.09 0.18 -16.23
C THR A 61 -26.93 0.98 -16.84
N GLU A 62 -26.92 2.29 -16.58
CA GLU A 62 -25.85 3.19 -17.02
C GLU A 62 -24.52 2.97 -16.30
N TYR A 63 -24.57 2.31 -15.14
CA TYR A 63 -23.38 1.94 -14.38
C TYR A 63 -23.46 0.44 -14.00
N PRO A 64 -23.04 -0.45 -14.94
CA PRO A 64 -23.30 -1.90 -14.82
C PRO A 64 -22.63 -2.61 -13.64
N ASN A 65 -21.54 -2.05 -13.12
CA ASN A 65 -20.80 -2.64 -11.99
C ASN A 65 -21.51 -2.55 -10.63
N THR A 66 -22.66 -1.88 -10.60
CA THR A 66 -23.53 -1.86 -9.43
C THR A 66 -24.30 -3.18 -9.29
N LEU A 67 -24.51 -3.85 -10.43
CA LEU A 67 -25.41 -5.01 -10.51
C LEU A 67 -24.77 -6.35 -10.12
N THR A 68 -23.46 -6.33 -9.84
CA THR A 68 -22.73 -7.53 -9.42
C THR A 68 -22.11 -7.41 -8.02
N ALA A 69 -21.80 -8.56 -7.42
CA ALA A 69 -21.08 -8.63 -6.14
C ALA A 69 -19.61 -8.25 -6.30
N ASP A 70 -19.04 -8.56 -7.46
CA ASP A 70 -17.63 -8.26 -7.80
C ASP A 70 -17.36 -6.77 -7.93
N GLY A 71 -18.37 -6.01 -8.36
CA GLY A 71 -18.22 -4.58 -8.63
C GLY A 71 -18.54 -3.64 -7.49
N PHE A 72 -18.63 -4.17 -6.27
CA PHE A 72 -18.93 -3.37 -5.07
C PHE A 72 -17.86 -2.32 -4.78
N ALA A 73 -16.59 -2.72 -4.91
CA ALA A 73 -15.46 -1.83 -4.69
C ALA A 73 -15.32 -0.80 -5.81
N TYR A 74 -15.66 -1.18 -7.04
CA TYR A 74 -15.55 -0.34 -8.23
C TYR A 74 -16.30 1.00 -8.10
N ASN A 75 -17.53 0.93 -7.57
CA ASN A 75 -18.38 2.10 -7.36
C ASN A 75 -17.78 3.09 -6.36
N LEU A 76 -17.13 2.54 -5.32
CA LEU A 76 -16.41 3.33 -4.31
C LEU A 76 -15.07 3.85 -4.85
N GLN A 77 -14.45 3.07 -5.74
CA GLN A 77 -13.19 3.44 -6.39
C GLN A 77 -13.37 4.55 -7.42
N GLN A 78 -14.51 4.53 -8.11
CA GLN A 78 -14.88 5.47 -9.17
C GLN A 78 -14.90 6.93 -8.69
N GLN A 79 -14.46 7.83 -9.58
CA GLN A 79 -14.42 9.27 -9.33
C GLN A 79 -15.83 9.89 -9.28
N ASP A 80 -16.06 10.74 -8.30
CA ASP A 80 -17.34 11.44 -8.13
C ASP A 80 -17.39 12.69 -9.01
N ASP A 81 -18.08 12.57 -10.14
CA ASP A 81 -18.20 13.67 -11.12
C ASP A 81 -19.54 14.43 -11.06
N GLY A 82 -20.41 14.00 -10.15
CA GLY A 82 -21.75 14.59 -10.00
C GLY A 82 -22.86 13.72 -10.57
N LYS A 83 -22.50 12.79 -11.45
CA LYS A 83 -23.47 11.91 -12.11
C LYS A 83 -23.37 10.45 -11.65
N THR A 84 -22.22 10.08 -11.08
CA THR A 84 -21.94 8.71 -10.60
C THR A 84 -22.87 8.26 -9.45
N PRO A 85 -23.18 6.94 -9.36
CA PRO A 85 -24.14 6.43 -8.37
C PRO A 85 -23.68 6.55 -6.90
N VAL A 86 -22.39 6.82 -6.71
CA VAL A 86 -21.80 7.05 -5.40
C VAL A 86 -21.38 8.53 -5.29
N GLU A 87 -21.90 9.20 -4.27
CA GLU A 87 -21.51 10.57 -3.93
C GLU A 87 -20.55 10.57 -2.74
N ARG A 88 -19.41 11.21 -2.94
CA ARG A 88 -18.38 11.33 -1.91
C ARG A 88 -18.62 12.56 -1.04
N PHE A 89 -18.50 12.37 0.27
CA PHE A 89 -18.50 13.48 1.23
C PHE A 89 -17.58 13.21 2.43
N VAL A 90 -16.96 14.27 2.92
CA VAL A 90 -16.13 14.20 4.13
C VAL A 90 -16.85 14.97 5.23
N SER A 91 -17.23 14.27 6.30
CA SER A 91 -17.89 14.89 7.45
C SER A 91 -16.94 15.84 8.19
N GLU A 92 -17.51 16.78 8.94
CA GLU A 92 -16.75 17.75 9.74
C GLU A 92 -15.82 17.08 10.78
N ASP A 93 -16.09 15.81 11.08
CA ASP A 93 -15.25 14.95 11.91
C ASP A 93 -13.91 14.63 11.24
N GLY A 94 -13.86 14.76 9.91
CA GLY A 94 -12.68 14.46 9.10
C GLY A 94 -12.63 13.05 8.56
N ILE A 95 -13.78 12.39 8.57
CA ILE A 95 -13.90 10.98 8.15
C ILE A 95 -14.61 10.89 6.79
N ASP A 96 -13.97 10.19 5.86
CA ASP A 96 -14.52 9.95 4.51
C ASP A 96 -15.77 9.08 4.56
N ASN A 97 -16.75 9.42 3.73
CA ASN A 97 -18.03 8.71 3.67
C ASN A 97 -18.70 8.77 2.29
N VAL A 98 -19.67 7.88 2.07
CA VAL A 98 -20.39 7.77 0.79
C VAL A 98 -21.91 7.75 0.95
N ARG A 99 -22.62 8.27 -0.04
CA ARG A 99 -24.07 8.15 -0.16
C ARG A 99 -24.49 7.93 -1.62
N ALA A 100 -25.66 7.32 -1.80
CA ALA A 100 -26.13 6.94 -3.12
C ALA A 100 -26.84 8.06 -3.87
N ARG A 101 -26.67 8.05 -5.20
CA ARG A 101 -27.30 9.00 -6.11
C ARG A 101 -27.72 8.24 -7.37
N ILE A 102 -28.75 7.41 -7.22
CA ILE A 102 -29.20 6.44 -8.22
C ILE A 102 -30.58 5.89 -7.86
N LEU A 103 -31.37 5.51 -8.88
CA LEU A 103 -32.67 4.88 -8.67
C LEU A 103 -32.50 3.50 -8.04
N GLY A 104 -33.20 3.30 -6.93
CA GLY A 104 -32.98 2.14 -6.05
C GLY A 104 -32.29 2.55 -4.77
N GLY A 105 -31.57 3.68 -4.83
CA GLY A 105 -30.92 4.26 -3.67
C GLY A 105 -29.69 3.52 -3.21
N THR A 106 -29.51 3.45 -1.89
CA THR A 106 -28.32 2.87 -1.26
C THR A 106 -28.22 1.35 -1.45
N THR A 107 -29.37 0.70 -1.66
CA THR A 107 -29.45 -0.75 -1.94
C THR A 107 -28.71 -1.17 -3.21
N ILE A 108 -28.54 -0.21 -4.14
CA ILE A 108 -27.82 -0.40 -5.41
C ILE A 108 -26.28 -0.39 -5.21
N ILE A 109 -25.82 0.21 -4.11
CA ILE A 109 -24.38 0.37 -3.86
C ILE A 109 -23.86 -0.28 -2.55
N ASN A 110 -24.74 -0.91 -1.79
CA ASN A 110 -24.39 -1.45 -0.47
C ASN A 110 -23.71 -2.84 -0.46
N ALA A 111 -23.30 -3.28 0.73
CA ALA A 111 -22.66 -4.60 0.93
C ALA A 111 -23.66 -5.77 0.90
N GLY A 112 -24.94 -5.45 0.77
CA GLY A 112 -25.98 -6.44 0.50
C GLY A 112 -26.45 -7.33 1.63
N VAL A 113 -26.00 -7.06 2.85
CA VAL A 113 -26.38 -7.84 4.04
C VAL A 113 -27.84 -7.55 4.41
N TYR A 114 -28.66 -8.60 4.40
CA TYR A 114 -30.07 -8.50 4.80
C TYR A 114 -30.29 -9.04 6.21
N ALA A 115 -31.11 -8.32 6.97
CA ALA A 115 -31.55 -8.72 8.31
C ALA A 115 -32.83 -8.02 8.74
N ARG A 116 -33.72 -8.80 9.37
CA ARG A 116 -34.91 -8.26 10.05
C ARG A 116 -34.51 -7.55 11.34
N ALA A 117 -35.32 -6.58 11.75
CA ALA A 117 -35.07 -5.78 12.96
C ALA A 117 -35.12 -6.60 14.25
N ASN A 118 -34.32 -6.15 15.23
CA ASN A 118 -34.35 -6.63 16.62
C ASN A 118 -35.77 -6.45 17.16
N ILE A 119 -36.37 -7.54 17.63
CA ILE A 119 -37.79 -7.55 18.10
C ILE A 119 -38.09 -6.57 19.23
N SER A 120 -37.06 -6.25 20.02
CA SER A 120 -37.15 -5.26 21.09
C SER A 120 -37.29 -3.82 20.58
N PHE A 121 -36.86 -3.59 19.34
CA PHE A 121 -36.93 -2.27 18.68
C PHE A 121 -38.36 -1.74 18.54
N TYR A 122 -39.29 -2.63 18.19
CA TYR A 122 -40.71 -2.27 18.00
C TYR A 122 -41.35 -1.77 19.30
N SER A 123 -41.01 -2.42 20.41
CA SER A 123 -41.58 -2.09 21.72
C SER A 123 -40.96 -0.83 22.32
N GLN A 124 -39.67 -0.61 22.08
CA GLN A 124 -38.95 0.51 22.69
C GLN A 124 -39.19 1.87 21.98
N THR A 125 -39.67 1.82 20.74
CA THR A 125 -40.00 3.04 19.98
C THR A 125 -41.24 3.76 20.53
N GLY A 126 -42.17 2.98 21.07
CA GLY A 126 -43.44 3.52 21.60
C GLY A 126 -44.56 3.54 20.59
N ILE A 127 -44.20 3.41 19.31
CA ILE A 127 -45.16 3.31 18.20
C ILE A 127 -45.88 1.98 18.30
N GLU A 128 -47.20 2.00 18.11
CA GLU A 128 -48.01 0.79 18.12
C GLU A 128 -47.94 0.13 16.75
N TRP A 129 -47.00 -0.78 16.59
CA TRP A 129 -46.80 -1.52 15.35
C TRP A 129 -47.80 -2.66 15.23
N ASP A 130 -48.33 -2.86 14.02
CA ASP A 130 -49.03 -4.08 13.68
C ASP A 130 -47.96 -5.13 13.36
N LEU A 131 -47.69 -5.98 14.34
CA LEU A 131 -46.64 -7.01 14.24
C LEU A 131 -46.89 -8.02 13.11
N ASP A 132 -48.16 -8.40 12.94
CA ASP A 132 -48.57 -9.35 11.90
C ASP A 132 -48.40 -8.79 10.48
N LEU A 133 -48.62 -7.48 10.32
CA LEU A 133 -48.41 -6.80 9.04
C LEU A 133 -46.93 -6.55 8.74
N VAL A 134 -46.16 -6.25 9.79
CA VAL A 134 -44.70 -6.06 9.70
C VAL A 134 -44.03 -7.32 9.11
N ASN A 135 -44.41 -8.49 9.65
CA ASN A 135 -43.89 -9.79 9.22
C ASN A 135 -44.29 -10.18 7.79
N LYS A 136 -45.54 -9.88 7.42
CA LYS A 136 -46.05 -10.09 6.06
C LYS A 136 -45.32 -9.20 5.04
N THR A 137 -44.97 -7.99 5.49
CA THR A 137 -44.21 -7.03 4.68
C THR A 137 -42.75 -7.48 4.49
N TYR A 138 -42.17 -8.08 5.53
CA TYR A 138 -40.84 -8.68 5.45
C TYR A 138 -40.81 -9.80 4.41
N GLU A 139 -41.77 -10.72 4.51
CA GLU A 139 -41.96 -11.82 3.55
C GLU A 139 -42.15 -11.32 2.12
N TRP A 140 -42.87 -10.20 1.97
CA TRP A 140 -43.10 -9.53 0.69
C TRP A 140 -41.79 -9.03 0.07
N VAL A 141 -40.92 -8.44 0.89
CA VAL A 141 -39.59 -8.00 0.48
C VAL A 141 -38.68 -9.21 0.19
N GLU A 142 -38.72 -10.19 1.10
CA GLU A 142 -37.88 -11.40 1.03
C GLU A 142 -38.14 -12.28 -0.19
N ASP A 143 -39.41 -12.41 -0.59
CA ASP A 143 -39.80 -13.19 -1.76
C ASP A 143 -39.41 -12.54 -3.10
N ALA A 144 -38.89 -11.33 -3.04
CA ALA A 144 -38.54 -10.57 -4.23
C ALA A 144 -37.04 -10.39 -4.44
N ILE A 145 -36.32 -10.09 -3.36
CA ILE A 145 -34.90 -9.67 -3.46
C ILE A 145 -33.90 -10.39 -2.53
N VAL A 146 -34.40 -11.22 -1.61
CA VAL A 146 -33.56 -11.88 -0.58
C VAL A 146 -33.46 -13.39 -0.81
N VAL A 147 -32.23 -13.90 -0.72
CA VAL A 147 -31.93 -15.34 -0.85
C VAL A 147 -31.15 -15.88 0.35
N LYS A 148 -31.11 -17.21 0.48
CA LYS A 148 -30.18 -17.88 1.39
C LYS A 148 -28.84 -18.06 0.67
N PRO A 149 -27.75 -17.46 1.21
CA PRO A 149 -26.44 -17.53 0.56
C PRO A 149 -25.79 -18.90 0.64
N ASN A 150 -24.96 -19.22 -0.36
CA ASN A 150 -24.15 -20.43 -0.36
C ASN A 150 -23.00 -20.34 0.65
N ASN A 151 -22.41 -21.49 0.99
CA ASN A 151 -21.22 -21.55 1.82
C ASN A 151 -20.05 -20.85 1.14
N GLN A 152 -19.38 -19.97 1.90
CA GLN A 152 -18.19 -19.27 1.43
C GLN A 152 -17.05 -19.55 2.40
N SER A 153 -15.92 -19.98 1.84
CA SER A 153 -14.78 -20.50 2.63
C SER A 153 -14.35 -19.57 3.77
N TRP A 154 -14.18 -18.28 3.47
CA TRP A 154 -13.75 -17.30 4.47
C TRP A 154 -14.85 -16.95 5.48
N GLN A 155 -16.09 -16.81 4.99
CA GLN A 155 -17.23 -16.49 5.85
C GLN A 155 -17.51 -17.60 6.87
N SER A 156 -17.32 -18.86 6.43
CA SER A 156 -17.44 -20.04 7.28
C SER A 156 -16.32 -20.15 8.30
N VAL A 157 -15.13 -19.65 7.94
CA VAL A 157 -13.98 -19.55 8.85
C VAL A 157 -14.28 -18.54 9.98
N ILE A 158 -14.81 -17.38 9.59
CA ILE A 158 -15.20 -16.31 10.52
C ILE A 158 -16.35 -16.76 11.43
N GLY A 159 -17.32 -17.48 10.84
CA GLY A 159 -18.43 -18.06 11.59
C GLY A 159 -18.00 -19.10 12.61
N GLU A 160 -17.03 -19.93 12.23
CA GLU A 160 -16.42 -20.92 13.12
C GLU A 160 -15.54 -20.24 14.19
N GLY A 161 -14.98 -19.09 13.83
CA GLY A 161 -14.16 -18.27 14.71
C GLY A 161 -14.97 -17.58 15.80
N PHE A 162 -16.13 -17.04 15.44
CA PHE A 162 -17.03 -16.38 16.39
C PHE A 162 -17.51 -17.33 17.49
N LEU A 163 -17.88 -18.55 17.10
CA LEU A 163 -18.33 -19.60 18.01
C LEU A 163 -17.21 -20.04 18.97
N GLU A 164 -15.99 -20.14 18.43
CA GLU A 164 -14.80 -20.47 19.21
C GLU A 164 -14.39 -19.32 20.14
N ALA A 165 -14.62 -18.08 19.70
CA ALA A 165 -14.37 -16.89 20.51
C ALA A 165 -15.40 -16.72 21.63
N GLY A 166 -16.55 -17.38 21.49
CA GLY A 166 -17.56 -17.43 22.55
C GLY A 166 -18.88 -16.73 22.27
N ILE A 167 -19.06 -16.24 21.03
CA ILE A 167 -20.32 -15.61 20.61
C ILE A 167 -21.35 -16.71 20.34
N LEU A 168 -22.25 -16.88 21.31
CA LEU A 168 -23.13 -18.05 21.39
C LEU A 168 -24.61 -17.65 21.51
N PRO A 169 -25.54 -18.46 20.96
CA PRO A 169 -25.25 -19.74 20.33
C PRO A 169 -25.17 -19.68 18.80
N ASP A 170 -25.02 -20.85 18.17
CA ASP A 170 -25.18 -21.01 16.73
C ASP A 170 -26.67 -20.88 16.42
N ASN A 171 -27.03 -19.86 15.65
CA ASN A 171 -28.41 -19.64 15.24
C ASN A 171 -28.74 -20.31 13.88
N GLY A 172 -27.70 -20.79 13.20
CA GLY A 172 -27.83 -21.38 11.87
C GLY A 172 -28.15 -20.32 10.84
N PHE A 173 -29.06 -20.64 9.92
CA PHE A 173 -29.58 -19.65 9.00
C PHE A 173 -30.88 -19.06 9.54
N SER A 174 -30.81 -17.78 9.90
CA SER A 174 -31.97 -16.99 10.30
C SER A 174 -31.78 -15.52 9.90
N LEU A 175 -32.90 -14.85 9.63
CA LEU A 175 -32.89 -13.45 9.20
C LEU A 175 -33.00 -12.48 10.39
N ASP A 176 -33.31 -13.03 11.57
CA ASP A 176 -33.54 -12.25 12.78
C ASP A 176 -32.27 -11.85 13.50
N HIS A 177 -32.26 -10.61 13.98
CA HIS A 177 -31.17 -10.04 14.77
C HIS A 177 -31.25 -10.57 16.20
N GLU A 178 -30.52 -11.65 16.45
CA GLU A 178 -30.44 -12.30 17.76
C GLU A 178 -28.99 -12.43 18.20
N ALA A 179 -28.77 -12.40 19.51
CA ALA A 179 -27.46 -12.64 20.10
C ALA A 179 -26.94 -14.03 19.70
N GLY A 180 -25.68 -14.08 19.30
CA GLY A 180 -25.04 -15.31 18.84
C GLY A 180 -24.44 -15.19 17.44
N THR A 181 -24.11 -16.33 16.86
CA THR A 181 -23.52 -16.39 15.52
C THR A 181 -24.51 -17.04 14.53
N ARG A 182 -24.66 -16.42 13.36
CA ARG A 182 -25.59 -16.89 12.33
C ARG A 182 -25.15 -16.55 10.91
N LEU A 183 -25.60 -17.37 9.96
CA LEU A 183 -25.60 -17.01 8.54
C LEU A 183 -26.91 -16.26 8.30
N THR A 184 -26.81 -15.04 7.79
CA THR A 184 -27.99 -14.21 7.54
C THR A 184 -28.36 -14.15 6.04
N GLY A 185 -29.41 -13.39 5.72
CA GLY A 185 -29.83 -13.21 4.33
C GLY A 185 -28.96 -12.22 3.56
N SER A 186 -28.99 -12.34 2.23
CA SER A 186 -28.27 -11.43 1.34
C SER A 186 -29.11 -11.00 0.15
N THR A 187 -29.02 -9.72 -0.19
CA THR A 187 -29.67 -9.16 -1.37
C THR A 187 -28.83 -9.39 -2.65
N PHE A 188 -27.59 -9.85 -2.49
CA PHE A 188 -26.84 -10.47 -3.57
C PHE A 188 -27.32 -11.90 -3.68
N ASP A 189 -27.70 -12.34 -4.88
CA ASP A 189 -28.09 -13.74 -5.08
C ASP A 189 -26.88 -14.67 -5.20
N ASN A 190 -27.14 -15.98 -5.29
CA ASN A 190 -26.08 -16.97 -5.40
C ASN A 190 -25.29 -16.93 -6.73
N ASN A 191 -25.84 -16.22 -7.71
CA ASN A 191 -25.20 -16.00 -9.00
C ASN A 191 -24.33 -14.72 -9.01
N GLY A 192 -24.35 -13.98 -7.91
CA GLY A 192 -23.59 -12.74 -7.78
C GLY A 192 -24.31 -11.49 -8.24
N THR A 193 -25.51 -11.67 -8.80
CA THR A 193 -26.38 -10.57 -9.24
C THR A 193 -26.92 -9.84 -8.01
N ARG A 194 -26.83 -8.51 -8.03
CA ARG A 194 -27.42 -7.68 -7.00
C ARG A 194 -28.93 -7.56 -7.22
N HIS A 195 -29.68 -7.67 -6.13
CA HIS A 195 -31.11 -7.41 -6.13
C HIS A 195 -31.41 -6.31 -5.12
N ALA A 196 -32.04 -5.24 -5.60
CA ALA A 196 -32.20 -4.03 -4.81
C ALA A 196 -33.64 -3.50 -4.75
N ALA A 197 -33.81 -2.32 -4.15
CA ALA A 197 -35.11 -1.68 -3.93
C ALA A 197 -35.88 -1.36 -5.22
N ASP A 198 -35.14 -0.98 -6.27
CA ASP A 198 -35.71 -0.63 -7.58
C ASP A 198 -36.51 -1.77 -8.21
N GLU A 199 -36.19 -3.00 -7.85
CA GLU A 199 -36.91 -4.18 -8.32
C GLU A 199 -38.31 -4.33 -7.70
N LEU A 200 -38.52 -3.69 -6.56
CA LEU A 200 -39.83 -3.68 -5.90
C LEU A 200 -40.82 -2.74 -6.59
N LEU A 201 -40.32 -1.88 -7.48
CA LEU A 201 -41.15 -1.04 -8.36
C LEU A 201 -41.97 -1.85 -9.35
N ASN A 202 -41.46 -3.03 -9.73
CA ASN A 202 -42.16 -4.01 -10.57
C ASN A 202 -43.46 -4.51 -9.95
N LYS A 203 -43.53 -4.45 -8.62
CA LYS A 203 -44.66 -4.98 -7.85
C LYS A 203 -45.85 -4.01 -7.78
N GLY A 204 -45.61 -2.75 -8.18
CA GLY A 204 -46.66 -1.74 -8.29
C GLY A 204 -47.31 -1.70 -9.66
N ASP A 205 -48.49 -1.08 -9.74
CA ASP A 205 -49.28 -1.00 -10.98
C ASP A 205 -48.62 -0.03 -11.97
N PRO A 206 -48.36 -0.50 -13.21
CA PRO A 206 -47.72 0.31 -14.26
C PRO A 206 -48.54 1.52 -14.74
N ASN A 207 -49.87 1.43 -14.65
CA ASN A 207 -50.76 2.50 -15.08
C ASN A 207 -50.82 3.70 -14.12
N ASN A 208 -50.47 3.47 -12.86
CA ASN A 208 -50.54 4.48 -11.81
C ASN A 208 -49.21 5.14 -11.47
N LEU A 209 -48.15 4.33 -11.39
CA LEU A 209 -46.82 4.80 -11.01
C LEU A 209 -46.04 5.35 -12.21
N LEU A 210 -45.49 6.56 -12.01
CA LEU A 210 -44.57 7.17 -12.98
C LEU A 210 -43.31 7.61 -12.26
N VAL A 211 -42.18 7.08 -12.72
CA VAL A 211 -40.87 7.34 -12.11
C VAL A 211 -40.10 8.33 -12.97
N ALA A 212 -39.55 9.37 -12.32
CA ALA A 212 -38.79 10.40 -13.00
C ALA A 212 -37.35 10.46 -12.49
N VAL A 213 -36.42 9.95 -13.31
CA VAL A 213 -34.99 10.01 -13.00
C VAL A 213 -34.36 11.34 -13.43
N GLN A 214 -33.22 11.66 -12.81
CA GLN A 214 -32.54 12.96 -12.94
C GLN A 214 -33.46 14.15 -12.62
N ALA A 215 -34.21 13.99 -11.53
CA ALA A 215 -35.16 14.97 -11.02
C ALA A 215 -34.67 15.51 -9.68
N SER A 216 -33.99 16.64 -9.74
CA SER A 216 -33.40 17.29 -8.57
C SER A 216 -34.45 18.13 -7.82
N VAL A 217 -35.05 17.52 -6.80
CA VAL A 217 -36.12 18.17 -6.01
C VAL A 217 -35.54 19.29 -5.14
N GLU A 218 -35.88 20.53 -5.52
CA GLU A 218 -35.31 21.75 -4.94
C GLU A 218 -36.04 22.22 -3.68
N LYS A 219 -37.37 22.08 -3.69
CA LYS A 219 -38.24 22.69 -2.68
C LYS A 219 -39.58 21.97 -2.54
N ILE A 220 -40.09 21.92 -1.31
CA ILE A 220 -41.47 21.49 -1.05
C ILE A 220 -42.34 22.74 -0.99
N LEU A 221 -43.49 22.69 -1.68
CA LEU A 221 -44.44 23.80 -1.75
C LEU A 221 -45.54 23.68 -0.70
N PHE A 222 -45.90 24.83 -0.12
CA PHE A 222 -46.90 24.92 0.94
C PHE A 222 -47.96 25.99 0.65
N SER A 223 -49.11 25.86 1.32
CA SER A 223 -50.19 26.84 1.22
C SER A 223 -49.98 27.98 2.21
N ASN A 228 -54.52 26.67 8.89
CA ASN A 228 -53.98 25.32 8.74
C ASN A 228 -52.99 25.24 7.59
N LEU A 229 -51.80 24.67 7.89
CA LEU A 229 -50.72 24.56 6.92
C LEU A 229 -50.65 23.17 6.29
N SER A 230 -50.60 23.14 4.97
CA SER A 230 -50.53 21.90 4.20
C SER A 230 -49.41 21.95 3.15
N ALA A 231 -48.83 20.79 2.87
CA ALA A 231 -47.90 20.62 1.75
C ALA A 231 -48.71 20.39 0.47
N ILE A 232 -48.55 21.29 -0.50
CA ILE A 232 -49.32 21.23 -1.76
C ILE A 232 -48.59 20.53 -2.91
N GLY A 233 -47.26 20.54 -2.88
CA GLY A 233 -46.45 19.89 -3.91
C GLY A 233 -44.95 20.14 -3.84
N VAL A 234 -44.30 20.04 -5.00
CA VAL A 234 -42.83 20.16 -5.12
C VAL A 234 -42.36 20.94 -6.35
N ILE A 235 -41.15 21.50 -6.25
CA ILE A 235 -40.42 22.04 -7.41
C ILE A 235 -39.17 21.19 -7.62
N TYR A 236 -39.02 20.65 -8.84
CA TYR A 236 -37.84 19.87 -9.22
C TYR A 236 -37.26 20.31 -10.56
N THR A 237 -35.92 20.33 -10.62
CA THR A 237 -35.18 20.72 -11.83
C THR A 237 -34.53 19.51 -12.52
N ASP A 238 -34.51 19.55 -13.85
CA ASP A 238 -34.04 18.42 -14.67
C ASP A 238 -32.57 18.55 -15.12
N SER A 239 -32.18 17.71 -16.08
CA SER A 239 -30.85 17.72 -16.69
C SER A 239 -30.54 19.03 -17.41
N ASP A 240 -31.57 19.61 -18.03
CA ASP A 240 -31.46 20.84 -18.81
C ASP A 240 -31.49 22.11 -17.95
N GLY A 241 -31.96 21.97 -16.70
CA GLY A 241 -32.06 23.09 -15.77
C GLY A 241 -33.44 23.72 -15.65
N ASN A 242 -34.40 23.21 -16.43
CA ASN A 242 -35.79 23.70 -16.42
C ASN A 242 -36.52 23.28 -15.14
N SER A 243 -37.24 24.23 -14.54
CA SER A 243 -38.06 23.96 -13.37
C SER A 243 -39.38 23.30 -13.74
N HIS A 244 -39.77 22.33 -12.91
CA HIS A 244 -41.05 21.64 -13.03
C HIS A 244 -41.79 21.75 -11.71
N GLN A 245 -43.11 21.67 -11.77
CA GLN A 245 -43.96 21.66 -10.58
C GLN A 245 -44.88 20.45 -10.61
N ALA A 246 -45.11 19.86 -9.45
CA ALA A 246 -46.04 18.74 -9.31
C ALA A 246 -46.85 18.92 -8.04
N PHE A 247 -48.15 18.62 -8.12
CA PHE A 247 -49.09 18.90 -7.03
C PHE A 247 -49.89 17.66 -6.62
N VAL A 248 -50.32 17.63 -5.37
CA VAL A 248 -51.16 16.55 -4.85
C VAL A 248 -52.66 16.88 -4.94
N ARG A 249 -53.46 15.83 -5.21
CA ARG A 249 -54.93 15.93 -5.24
C ARG A 249 -55.53 15.81 -3.83
N GLY A 250 -56.86 15.87 -3.76
CA GLY A 250 -57.60 15.82 -2.49
C GLY A 250 -57.25 14.62 -1.62
N ASN A 251 -56.99 14.90 -0.34
CA ASN A 251 -56.50 13.92 0.66
C ASN A 251 -55.17 13.23 0.34
N GLY A 252 -54.54 13.66 -0.74
CA GLY A 252 -53.22 13.15 -1.16
C GLY A 252 -52.10 13.74 -0.33
N GLU A 253 -50.93 13.11 -0.39
CA GLU A 253 -49.80 13.47 0.47
C GLU A 253 -48.46 13.48 -0.27
N VAL A 254 -47.57 14.37 0.16
CA VAL A 254 -46.17 14.40 -0.26
C VAL A 254 -45.36 13.67 0.83
N ILE A 255 -44.60 12.64 0.44
CA ILE A 255 -43.74 11.90 1.38
C ILE A 255 -42.27 12.07 1.01
N VAL A 256 -41.44 12.40 2.01
CA VAL A 256 -40.01 12.64 1.80
C VAL A 256 -39.18 11.43 2.21
N SER A 257 -38.56 10.80 1.22
CA SER A 257 -37.72 9.61 1.42
C SER A 257 -36.31 9.84 0.85
N ALA A 258 -35.82 11.07 1.00
CA ALA A 258 -34.54 11.49 0.42
C ALA A 258 -33.30 11.05 1.23
N GLY A 259 -33.54 10.47 2.41
CA GLY A 259 -32.47 9.90 3.24
C GLY A 259 -32.04 10.76 4.43
N THR A 260 -31.11 10.22 5.21
CA THR A 260 -30.51 10.87 6.38
C THR A 260 -29.89 12.24 6.05
N ILE A 261 -29.31 12.36 4.85
CA ILE A 261 -28.70 13.60 4.38
C ILE A 261 -29.70 14.42 3.55
N GLY A 262 -30.43 13.73 2.67
CA GLY A 262 -31.35 14.37 1.73
C GLY A 262 -32.59 15.03 2.32
N THR A 263 -33.30 14.30 3.17
CA THR A 263 -34.56 14.77 3.77
C THR A 263 -34.40 16.04 4.63
N PRO A 264 -33.48 16.05 5.63
CA PRO A 264 -33.30 17.30 6.41
C PRO A 264 -32.87 18.50 5.57
N GLN A 265 -32.01 18.27 4.57
CA GLN A 265 -31.57 19.31 3.64
C GLN A 265 -32.74 19.91 2.87
N LEU A 266 -33.66 19.06 2.42
CA LEU A 266 -34.84 19.49 1.67
C LEU A 266 -35.84 20.24 2.54
N LEU A 267 -36.08 19.71 3.75
CA LEU A 267 -36.98 20.34 4.72
C LEU A 267 -36.51 21.75 5.11
N LEU A 268 -35.20 21.88 5.35
CA LEU A 268 -34.58 23.18 5.64
C LEU A 268 -34.68 24.15 4.46
N LEU A 269 -34.48 23.64 3.25
CA LEU A 269 -34.64 24.43 2.02
C LEU A 269 -36.09 24.86 1.76
N SER A 270 -37.05 24.08 2.29
CA SER A 270 -38.47 24.35 2.15
C SER A 270 -38.99 25.34 3.21
N GLY A 271 -38.14 25.66 4.18
CA GLY A 271 -38.48 26.61 5.25
C GLY A 271 -39.00 25.96 6.52
N VAL A 272 -38.78 24.64 6.63
CA VAL A 272 -39.19 23.88 7.81
C VAL A 272 -37.93 23.52 8.61
N GLY A 273 -37.77 24.19 9.76
CA GLY A 273 -36.61 23.99 10.63
C GLY A 273 -36.51 24.98 11.78
N PRO A 274 -35.31 25.10 12.39
CA PRO A 274 -35.07 26.06 13.48
C PRO A 274 -35.14 27.51 13.00
N GLU A 275 -35.92 28.33 13.72
CA GLU A 275 -36.27 29.69 13.31
C GLU A 275 -35.10 30.64 13.06
N SER A 276 -34.25 30.80 14.07
CA SER A 276 -33.10 31.71 14.02
C SER A 276 -32.06 31.29 12.99
N TYR A 277 -31.94 29.98 12.79
CA TYR A 277 -31.01 29.40 11.81
C TYR A 277 -31.43 29.68 10.37
N LEU A 278 -32.73 29.54 10.08
CA LEU A 278 -33.27 29.80 8.74
C LEU A 278 -33.27 31.30 8.40
N SER A 279 -33.48 32.12 9.42
CA SER A 279 -33.44 33.58 9.32
C SER A 279 -32.02 34.11 9.08
N SER A 280 -31.02 33.39 9.61
CA SER A 280 -29.61 33.71 9.38
C SER A 280 -29.13 33.32 7.97
N LEU A 281 -29.98 32.59 7.24
CA LEU A 281 -29.69 32.17 5.86
C LEU A 281 -30.60 32.81 4.80
N ASN A 282 -31.47 33.73 5.26
CA ASN A 282 -32.50 34.38 4.43
C ASN A 282 -33.49 33.40 3.77
N ILE A 283 -33.98 32.46 4.59
CA ILE A 283 -35.00 31.50 4.17
C ILE A 283 -36.30 31.82 4.90
N THR A 284 -37.38 31.96 4.13
CA THR A 284 -38.71 32.22 4.68
C THR A 284 -39.17 31.00 5.46
N VAL A 285 -39.30 31.17 6.78
CA VAL A 285 -39.72 30.10 7.68
C VAL A 285 -41.22 29.85 7.50
N VAL A 286 -41.56 28.61 7.17
CA VAL A 286 -42.94 28.21 6.94
C VAL A 286 -43.47 27.45 8.16
N GLN A 287 -42.62 26.60 8.74
CA GLN A 287 -42.94 25.85 9.94
C GLN A 287 -41.74 25.75 10.88
N PRO A 288 -41.77 26.46 12.03
CA PRO A 288 -40.71 26.33 13.03
C PRO A 288 -40.67 24.94 13.67
N ASN A 289 -39.49 24.33 13.63
CA ASN A 289 -39.19 23.06 14.30
C ASN A 289 -37.69 22.95 14.57
N PRO A 290 -37.26 23.13 15.84
CA PRO A 290 -35.83 23.16 16.19
C PRO A 290 -35.07 21.82 16.05
N TYR A 291 -35.73 20.81 15.49
CA TYR A 291 -35.17 19.45 15.43
C TYR A 291 -34.86 18.92 14.03
N VAL A 292 -35.25 19.68 13.01
CA VAL A 292 -34.93 19.37 11.60
C VAL A 292 -33.41 19.50 11.40
N GLY A 293 -32.79 18.40 10.97
CA GLY A 293 -31.35 18.35 10.80
C GLY A 293 -30.60 18.02 12.07
N GLN A 294 -31.28 18.09 13.21
CA GLN A 294 -30.69 17.78 14.51
C GLN A 294 -30.79 16.28 14.80
N PHE A 295 -29.95 15.81 15.74
CA PHE A 295 -29.86 14.40 16.15
C PHE A 295 -29.58 13.45 14.99
N VAL A 296 -28.39 13.62 14.40
CA VAL A 296 -27.88 12.79 13.31
C VAL A 296 -26.79 11.89 13.84
N TYR A 297 -26.94 10.59 13.60
CA TYR A 297 -26.10 9.55 14.16
C TYR A 297 -25.38 8.79 13.06
N ASP A 298 -24.18 8.28 13.39
CA ASP A 298 -23.49 7.28 12.57
C ASP A 298 -22.72 6.33 13.47
N ASN A 299 -23.07 5.04 13.38
CA ASN A 299 -22.42 3.99 14.16
C ASN A 299 -20.96 3.83 13.72
N PRO A 300 -20.02 3.84 14.70
CA PRO A 300 -18.59 3.71 14.41
C PRO A 300 -18.20 2.32 13.91
N ARG A 301 -17.40 2.30 12.84
CA ARG A 301 -16.75 1.09 12.35
C ARG A 301 -15.31 1.10 12.84
N ASN A 302 -14.93 0.01 13.50
CA ASN A 302 -13.54 -0.22 13.90
C ASN A 302 -13.04 -1.59 13.46
N PHE A 303 -11.85 -1.60 12.87
CA PHE A 303 -11.43 -2.67 11.97
C PHE A 303 -9.93 -3.02 12.06
N ILE A 304 -9.62 -4.21 11.57
CA ILE A 304 -8.26 -4.67 11.32
C ILE A 304 -8.22 -5.44 10.01
N ASN A 305 -7.11 -5.31 9.28
CA ASN A 305 -6.94 -6.02 8.02
C ASN A 305 -5.76 -6.99 8.10
N ILE A 306 -6.07 -8.28 8.02
CA ILE A 306 -5.03 -9.31 7.98
C ILE A 306 -4.71 -9.73 6.55
N LEU A 307 -3.42 -9.89 6.28
CA LEU A 307 -2.91 -10.28 4.97
C LEU A 307 -2.32 -11.69 5.03
N PRO A 308 -3.15 -12.72 4.70
CA PRO A 308 -2.71 -14.13 4.81
C PRO A 308 -1.60 -14.48 3.82
N PRO A 309 -0.63 -15.33 4.23
CA PRO A 309 0.49 -15.73 3.36
C PRO A 309 0.05 -16.47 2.09
N ASN A 310 -1.03 -17.22 2.18
CA ASN A 310 -1.65 -17.89 1.03
C ASN A 310 -2.92 -17.15 0.59
N PRO A 311 -3.17 -17.07 -0.74
CA PRO A 311 -4.34 -16.35 -1.24
C PRO A 311 -5.67 -16.90 -0.73
N ILE A 312 -6.59 -15.99 -0.42
CA ILE A 312 -7.94 -16.35 0.05
C ILE A 312 -9.00 -15.86 -0.94
N GLU A 313 -10.09 -16.61 -1.04
CA GLU A 313 -11.20 -16.28 -1.94
C GLU A 313 -12.01 -15.10 -1.41
N ALA A 314 -12.23 -14.12 -2.27
CA ALA A 314 -13.05 -12.94 -1.95
C ALA A 314 -14.52 -13.35 -1.77
N SER A 315 -15.18 -12.73 -0.80
CA SER A 315 -16.57 -13.09 -0.46
C SER A 315 -17.39 -11.88 -0.03
N VAL A 316 -18.72 -12.01 -0.17
CA VAL A 316 -19.66 -11.05 0.40
C VAL A 316 -19.96 -11.40 1.86
N ALA A 317 -20.15 -10.37 2.68
CA ALA A 317 -20.42 -10.51 4.12
C ALA A 317 -21.76 -11.19 4.35
N THR A 318 -21.75 -12.34 5.04
CA THR A 318 -22.95 -13.16 5.23
C THR A 318 -23.10 -13.73 6.65
N VAL A 319 -21.99 -13.91 7.35
CA VAL A 319 -21.99 -14.50 8.70
C VAL A 319 -21.70 -13.43 9.76
N LEU A 320 -22.66 -13.25 10.68
CA LEU A 320 -22.59 -12.19 11.69
C LEU A 320 -22.36 -12.71 13.10
N GLY A 321 -21.60 -11.94 13.88
CA GLY A 321 -21.36 -12.21 15.30
C GLY A 321 -21.99 -11.11 16.14
N ILE A 322 -23.13 -11.43 16.73
CA ILE A 322 -23.99 -10.45 17.39
C ILE A 322 -23.99 -10.59 18.91
N ARG A 323 -23.62 -9.50 19.59
CA ARG A 323 -23.81 -9.33 21.03
C ARG A 323 -24.52 -8.00 21.28
N SER A 324 -25.03 -7.81 22.48
CA SER A 324 -25.76 -6.59 22.86
C SER A 324 -24.91 -5.32 22.72
N ASP A 325 -23.62 -5.44 23.04
CA ASP A 325 -22.69 -4.30 23.07
C ASP A 325 -21.78 -4.15 21.84
N TYR A 326 -21.81 -5.14 20.94
CA TYR A 326 -21.06 -5.08 19.66
C TYR A 326 -21.59 -6.02 18.58
N TYR A 327 -21.58 -5.55 17.34
CA TYR A 327 -21.95 -6.35 16.17
C TYR A 327 -20.73 -6.52 15.27
N GLN A 328 -20.40 -7.77 14.94
CA GLN A 328 -19.18 -8.10 14.20
C GLN A 328 -19.42 -8.90 12.92
N VAL A 329 -18.62 -8.61 11.90
CA VAL A 329 -18.65 -9.28 10.58
C VAL A 329 -17.30 -9.10 9.87
N SER A 330 -17.06 -9.93 8.85
CA SER A 330 -15.85 -9.81 8.02
C SER A 330 -16.14 -9.94 6.53
N LEU A 331 -15.37 -9.20 5.73
CA LEU A 331 -15.43 -9.27 4.27
C LEU A 331 -14.03 -9.51 3.70
N SER A 332 -13.90 -10.56 2.89
CA SER A 332 -12.64 -10.87 2.20
C SER A 332 -12.65 -10.24 0.82
N SER A 333 -11.53 -9.60 0.47
CA SER A 333 -11.44 -8.83 -0.78
C SER A 333 -10.18 -9.14 -1.59
N LEU A 334 -10.25 -8.87 -2.89
CA LEU A 334 -9.09 -8.86 -3.76
C LEU A 334 -8.28 -7.57 -3.53
N PRO A 335 -6.97 -7.57 -3.88
CA PRO A 335 -6.21 -6.31 -3.78
C PRO A 335 -6.59 -5.29 -4.87
N PHE A 336 -6.19 -4.04 -4.64
CA PHE A 336 -6.47 -2.93 -5.55
C PHE A 336 -5.35 -1.88 -5.50
N SER A 337 -5.13 -1.19 -6.62
CA SER A 337 -4.19 -0.07 -6.66
C SER A 337 -4.90 1.26 -6.43
N THR A 338 -6.18 1.32 -6.78
CA THR A 338 -7.04 2.49 -6.50
C THR A 338 -7.86 2.21 -5.23
N PRO A 339 -7.75 3.08 -4.21
CA PRO A 339 -8.49 2.84 -2.95
C PRO A 339 -9.99 3.10 -3.10
N PRO A 340 -10.84 2.19 -2.54
CA PRO A 340 -12.28 2.44 -2.49
C PRO A 340 -12.59 3.47 -1.41
N PHE A 341 -13.11 4.62 -1.84
CA PHE A 341 -13.42 5.75 -0.95
C PHE A 341 -14.42 5.31 0.12
N SER A 342 -14.16 5.74 1.35
CA SER A 342 -15.00 5.49 2.53
C SER A 342 -14.73 4.18 3.28
N LEU A 343 -14.21 3.17 2.58
CA LEU A 343 -13.84 1.88 3.20
C LEU A 343 -12.79 2.07 4.29
N PHE A 344 -11.84 2.96 4.03
CA PHE A 344 -10.88 3.43 5.04
C PHE A 344 -11.09 4.93 5.28
N PRO A 345 -10.94 5.39 6.55
CA PRO A 345 -11.27 6.77 6.95
C PRO A 345 -10.55 7.88 6.18
N THR A 346 -9.36 7.58 5.66
CA THR A 346 -8.56 8.53 4.90
C THR A 346 -8.03 7.91 3.60
N THR A 347 -7.65 8.79 2.66
CA THR A 347 -6.97 8.37 1.43
C THR A 347 -5.47 8.14 1.66
N SER A 348 -4.94 8.72 2.74
CA SER A 348 -3.57 8.46 3.19
C SER A 348 -3.50 7.13 3.92
N TYR A 349 -3.68 6.04 3.17
CA TYR A 349 -3.80 4.69 3.70
C TYR A 349 -3.06 3.69 2.79
N PRO A 350 -2.31 2.74 3.40
CA PRO A 350 -1.57 1.71 2.64
C PRO A 350 -2.46 0.84 1.76
N LEU A 351 -1.91 0.45 0.60
CA LEU A 351 -2.61 -0.41 -0.36
C LEU A 351 -2.26 -1.88 -0.14
N PRO A 352 -3.25 -2.80 -0.24
CA PRO A 352 -2.98 -4.23 -0.05
C PRO A 352 -2.14 -4.86 -1.16
N ASN A 353 -1.12 -5.62 -0.76
CA ASN A 353 -0.24 -6.31 -1.70
C ASN A 353 -0.82 -7.61 -2.28
N SER A 354 -1.77 -8.18 -1.54
CA SER A 354 -2.50 -9.39 -1.98
C SER A 354 -3.92 -9.39 -1.41
N THR A 355 -4.62 -10.52 -1.55
CA THR A 355 -5.97 -10.70 -1.00
C THR A 355 -5.96 -10.54 0.51
N PHE A 356 -6.90 -9.74 1.02
CA PHE A 356 -6.97 -9.43 2.45
C PHE A 356 -8.35 -9.66 3.07
N ALA A 357 -8.37 -9.79 4.40
CA ALA A 357 -9.60 -9.95 5.15
C ALA A 357 -9.89 -8.71 5.99
N HIS A 358 -11.02 -8.09 5.71
CA HIS A 358 -11.47 -6.89 6.43
C HIS A 358 -12.42 -7.33 7.54
N ILE A 359 -11.97 -7.20 8.79
CA ILE A 359 -12.70 -7.69 9.96
C ILE A 359 -13.13 -6.51 10.83
N VAL A 360 -14.45 -6.29 10.92
CA VAL A 360 -15.01 -5.08 11.55
C VAL A 360 -15.88 -5.34 12.79
N SER A 361 -16.05 -4.27 13.58
CA SER A 361 -17.00 -4.24 14.70
C SER A 361 -17.79 -2.94 14.70
N GLN A 362 -19.08 -3.04 15.02
CA GLN A 362 -20.00 -1.91 15.05
C GLN A 362 -20.47 -1.60 16.47
N VAL A 363 -20.45 -0.31 16.82
CA VAL A 363 -20.93 0.19 18.11
C VAL A 363 -22.44 0.50 18.00
N PRO A 364 -23.27 -0.12 18.89
CA PRO A 364 -24.73 0.11 18.86
C PRO A 364 -25.10 1.53 19.30
N GLY A 365 -26.26 1.99 18.85
CA GLY A 365 -26.71 3.37 19.04
C GLY A 365 -26.48 4.16 17.75
N PRO A 366 -25.47 5.04 17.72
CA PRO A 366 -24.66 5.36 18.89
C PRO A 366 -25.35 6.40 19.78
N LEU A 367 -24.77 6.68 20.94
CA LEU A 367 -25.29 7.73 21.82
C LEU A 367 -24.74 9.10 21.43
N SER A 368 -23.60 9.10 20.75
CA SER A 368 -22.99 10.30 20.17
C SER A 368 -23.79 10.77 18.95
N HIS A 369 -24.09 12.06 18.91
CA HIS A 369 -24.86 12.66 17.80
C HIS A 369 -24.34 14.03 17.37
N GLY A 370 -24.57 14.34 16.10
CA GLY A 370 -24.27 15.65 15.52
C GLY A 370 -25.46 16.20 14.76
N SER A 371 -25.20 16.86 13.63
CA SER A 371 -26.26 17.53 12.86
C SER A 371 -26.02 17.61 11.35
N VAL A 372 -27.10 17.84 10.60
CA VAL A 372 -27.05 18.25 9.20
C VAL A 372 -27.41 19.73 9.12
N THR A 373 -26.50 20.50 8.52
CA THR A 373 -26.70 21.94 8.29
C THR A 373 -26.43 22.27 6.82
N LEU A 374 -27.13 23.28 6.30
CA LEU A 374 -26.98 23.71 4.91
C LEU A 374 -25.66 24.42 4.65
N ASN A 375 -25.05 24.07 3.51
CA ASN A 375 -23.87 24.78 3.00
C ASN A 375 -24.29 25.85 1.99
N SER A 376 -25.28 25.51 1.17
CA SER A 376 -25.93 26.43 0.23
C SER A 376 -27.39 26.61 0.61
N SER A 377 -27.83 27.86 0.65
CA SER A 377 -29.20 28.21 1.04
C SER A 377 -30.24 28.13 -0.09
N SER A 378 -29.76 27.83 -1.30
CA SER A 378 -30.62 27.80 -2.49
C SER A 378 -30.52 26.52 -3.33
N ASP A 379 -29.30 25.99 -3.47
CA ASP A 379 -29.03 24.83 -4.32
C ASP A 379 -29.04 23.52 -3.54
N VAL A 380 -29.84 22.57 -4.02
CA VAL A 380 -29.93 21.23 -3.41
C VAL A 380 -28.83 20.29 -3.94
N ARG A 381 -28.28 20.63 -5.12
CA ARG A 381 -27.21 19.85 -5.75
C ARG A 381 -25.85 19.99 -5.04
N ILE A 382 -25.70 21.05 -4.24
CA ILE A 382 -24.55 21.20 -3.35
C ILE A 382 -24.87 20.50 -2.03
N ALA A 383 -24.00 19.55 -1.67
CA ALA A 383 -24.17 18.70 -0.48
C ALA A 383 -24.15 19.49 0.84
N PRO A 384 -25.05 19.14 1.79
CA PRO A 384 -25.05 19.84 3.08
C PRO A 384 -23.90 19.40 3.98
N ASN A 385 -23.55 20.25 4.95
CA ASN A 385 -22.56 19.95 5.96
C ASN A 385 -23.11 18.95 6.98
N ILE A 386 -22.30 17.97 7.32
CA ILE A 386 -22.69 16.90 8.25
C ILE A 386 -21.58 16.63 9.28
N LYS A 387 -21.99 16.50 10.55
CA LYS A 387 -21.09 16.13 11.64
C LYS A 387 -21.73 15.03 12.48
N PHE A 388 -20.92 14.10 12.95
CA PHE A 388 -21.40 12.96 13.75
C PHE A 388 -20.90 12.97 15.20
N ASN A 389 -19.81 13.70 15.47
CA ASN A 389 -19.12 13.74 16.77
C ASN A 389 -18.77 12.33 17.28
N TYR A 390 -17.95 11.61 16.51
CA TYR A 390 -17.54 10.24 16.84
C TYR A 390 -16.92 10.16 18.22
N TYR A 391 -17.47 9.27 19.05
CA TYR A 391 -17.02 9.01 20.43
C TYR A 391 -17.00 10.25 21.36
N SER A 392 -17.92 11.17 21.13
CA SER A 392 -18.15 12.30 22.05
C SER A 392 -18.80 11.80 23.34
N ASN A 393 -19.57 10.72 23.24
CA ASN A 393 -20.09 9.99 24.39
C ASN A 393 -19.16 8.84 24.76
N SER A 394 -18.85 8.72 26.05
CA SER A 394 -17.87 7.76 26.55
C SER A 394 -18.35 6.31 26.57
N THR A 395 -19.66 6.11 26.59
CA THR A 395 -20.27 4.76 26.57
C THR A 395 -20.03 4.04 25.24
N ASP A 396 -20.05 4.80 24.15
CA ASP A 396 -19.72 4.30 22.81
C ASP A 396 -18.28 3.82 22.71
N LEU A 397 -17.38 4.55 23.37
CA LEU A 397 -15.96 4.20 23.44
C LEU A 397 -15.72 2.93 24.24
N ALA A 398 -16.50 2.74 25.32
CA ALA A 398 -16.49 1.52 26.12
C ALA A 398 -16.98 0.30 25.34
N ASN A 399 -18.02 0.50 24.53
CA ASN A 399 -18.58 -0.54 23.67
C ASN A 399 -17.66 -0.96 22.53
N CYS A 400 -16.82 -0.03 22.08
CA CYS A 400 -15.73 -0.32 21.13
C CYS A 400 -14.66 -1.21 21.77
N VAL A 401 -14.28 -0.87 23.01
CA VAL A 401 -13.23 -1.56 23.76
C VAL A 401 -13.56 -3.06 23.89
N SER A 402 -14.81 -3.36 24.24
CA SER A 402 -15.33 -4.73 24.31
C SER A 402 -15.28 -5.43 22.95
N GLY A 403 -15.64 -4.70 21.90
CA GLY A 403 -15.63 -5.20 20.53
C GLY A 403 -14.25 -5.51 19.99
N MET A 404 -13.28 -4.67 20.33
CA MET A 404 -11.88 -4.88 19.97
C MET A 404 -11.25 -6.03 20.73
N LYS A 405 -11.70 -6.25 21.96
CA LYS A 405 -11.28 -7.37 22.79
C LYS A 405 -11.74 -8.71 22.21
N LYS A 406 -13.00 -8.77 21.75
CA LYS A 406 -13.54 -9.99 21.14
C LYS A 406 -12.99 -10.23 19.73
N LEU A 407 -12.63 -9.15 19.04
CA LEU A 407 -11.87 -9.26 17.78
C LEU A 407 -10.46 -9.77 18.04
N GLY A 408 -9.89 -9.36 19.18
CA GLY A 408 -8.65 -9.94 19.71
C GLY A 408 -8.81 -11.43 19.97
N ASP A 409 -9.91 -11.79 20.65
CA ASP A 409 -10.29 -13.19 20.88
C ASP A 409 -10.47 -13.97 19.59
N LEU A 410 -11.04 -13.32 18.57
CA LEU A 410 -11.28 -13.91 17.26
C LEU A 410 -9.99 -14.28 16.52
N LEU A 411 -8.99 -13.41 16.62
CA LEU A 411 -7.68 -13.65 15.99
C LEU A 411 -6.88 -14.74 16.71
N ARG A 412 -7.18 -14.96 17.99
CA ARG A 412 -6.55 -15.99 18.82
C ARG A 412 -7.18 -17.38 18.63
N THR A 413 -8.26 -17.46 17.86
CA THR A 413 -8.95 -18.74 17.59
C THR A 413 -8.12 -19.68 16.71
N LYS A 414 -8.35 -20.97 16.90
CA LYS A 414 -7.73 -22.02 16.08
C LYS A 414 -8.29 -22.03 14.65
N ALA A 415 -9.47 -21.43 14.49
CA ALA A 415 -10.12 -21.25 13.19
C ALA A 415 -9.36 -20.30 12.27
N LEU A 416 -8.82 -19.21 12.85
CA LEU A 416 -8.05 -18.21 12.10
C LEU A 416 -6.54 -18.43 12.15
N GLU A 417 -6.12 -19.48 12.86
CA GLU A 417 -4.70 -19.85 13.00
C GLU A 417 -3.96 -20.15 11.68
N PRO A 418 -4.59 -20.94 10.74
CA PRO A 418 -3.90 -21.24 9.46
C PRO A 418 -3.61 -20.04 8.54
N TYR A 419 -4.05 -18.84 8.95
CA TYR A 419 -3.89 -17.63 8.15
C TYR A 419 -2.83 -16.68 8.72
N LYS A 420 -2.02 -17.19 9.64
CA LYS A 420 -0.88 -16.48 10.21
C LYS A 420 0.35 -16.65 9.34
N ALA A 421 1.06 -15.56 9.11
CA ALA A 421 2.30 -15.55 8.32
C ALA A 421 3.45 -16.24 9.05
N ARG A 422 3.53 -16.02 10.37
CA ARG A 422 4.53 -16.65 11.24
C ARG A 422 3.85 -17.52 12.28
N ASP A 423 4.47 -18.65 12.61
CA ASP A 423 3.95 -19.58 13.60
C ASP A 423 4.43 -19.21 15.01
N VAL A 424 3.82 -18.16 15.54
CA VAL A 424 4.16 -17.55 16.83
C VAL A 424 2.91 -17.55 17.72
N LEU A 425 3.12 -17.59 19.04
CA LEU A 425 2.03 -17.62 20.03
C LEU A 425 1.09 -16.42 19.97
N GLY A 426 1.66 -15.24 19.71
CA GLY A 426 0.90 -13.99 19.65
C GLY A 426 0.23 -13.72 18.32
N ILE A 427 -0.65 -12.71 18.31
CA ILE A 427 -1.38 -12.30 17.11
C ILE A 427 -0.54 -11.43 16.15
N ASP A 428 0.68 -11.09 16.58
CA ASP A 428 1.70 -10.48 15.73
C ASP A 428 2.16 -11.42 14.59
N GLY A 429 1.81 -12.70 14.71
CA GLY A 429 2.03 -13.72 13.67
C GLY A 429 1.26 -13.46 12.38
N PHE A 430 0.13 -12.76 12.49
CA PHE A 430 -0.59 -12.22 11.35
C PHE A 430 0.18 -11.04 10.75
N ASN A 431 0.10 -10.91 9.42
CA ASN A 431 0.51 -9.68 8.74
C ASN A 431 -0.67 -8.73 8.67
N TYR A 432 -0.40 -7.44 8.89
CA TYR A 432 -1.45 -6.44 8.95
C TYR A 432 -1.35 -5.37 7.86
N LEU A 433 -2.51 -5.00 7.31
CA LEU A 433 -2.65 -3.79 6.52
C LEU A 433 -3.18 -2.70 7.44
N GLY A 434 -2.43 -1.61 7.56
CA GLY A 434 -2.77 -0.53 8.47
C GLY A 434 -2.41 -0.83 9.91
N VAL A 435 -3.26 -0.37 10.82
CA VAL A 435 -2.99 -0.42 12.26
C VAL A 435 -3.54 -1.72 12.88
N PRO A 436 -2.67 -2.47 13.61
CA PRO A 436 -3.11 -3.65 14.37
C PRO A 436 -3.62 -3.31 15.77
N LEU A 437 -4.25 -4.29 16.41
CA LEU A 437 -4.78 -4.15 17.78
C LEU A 437 -3.66 -3.93 18.81
N PRO A 438 -3.84 -2.95 19.73
CA PRO A 438 -2.79 -2.62 20.70
C PRO A 438 -2.69 -3.64 21.83
N ASP A 444 -6.00 -1.18 29.47
CA ASP A 444 -7.32 -0.85 28.94
C ASP A 444 -7.35 0.51 28.25
N ALA A 445 -6.42 1.38 28.62
CA ALA A 445 -6.28 2.73 28.06
C ALA A 445 -5.73 2.74 26.63
N SER A 446 -5.08 1.64 26.25
CA SER A 446 -4.47 1.49 24.93
C SER A 446 -5.51 1.27 23.82
N PHE A 447 -6.60 0.57 24.15
CA PHE A 447 -7.70 0.31 23.22
C PHE A 447 -8.60 1.52 22.96
N GLU A 448 -8.60 2.47 23.90
CA GLU A 448 -9.31 3.74 23.75
C GLU A 448 -8.71 4.60 22.64
N THR A 449 -7.37 4.66 22.59
CA THR A 449 -6.62 5.44 21.61
C THR A 449 -6.78 4.86 20.19
N PHE A 450 -6.75 3.52 20.09
CA PHE A 450 -6.93 2.79 18.83
C PHE A 450 -8.27 3.11 18.16
N CYS A 451 -9.33 3.17 18.96
CA CYS A 451 -10.67 3.47 18.47
C CYS A 451 -10.85 4.92 18.00
N LEU A 452 -10.27 5.86 18.73
CA LEU A 452 -10.37 7.29 18.42
C LEU A 452 -9.61 7.67 17.15
N ASP A 453 -8.46 7.05 16.95
CA ASP A 453 -7.58 7.37 15.81
C ASP A 453 -7.93 6.62 14.52
N ASN A 454 -8.47 5.41 14.66
CA ASN A 454 -8.72 4.54 13.51
C ASN A 454 -10.22 4.23 13.25
N VAL A 455 -11.08 5.18 13.64
CA VAL A 455 -12.52 5.07 13.39
C VAL A 455 -12.85 5.30 11.90
N ALA A 456 -13.65 4.40 11.35
CA ALA A 456 -14.26 4.58 10.03
C ALA A 456 -15.78 4.61 10.18
N SER A 457 -16.47 5.03 9.12
CA SER A 457 -17.93 5.02 9.08
C SER A 457 -18.42 3.63 8.71
N TYR A 458 -19.37 3.12 9.48
CA TYR A 458 -20.03 1.84 9.16
C TYR A 458 -21.01 1.98 7.99
N TRP A 459 -21.33 3.22 7.65
CA TRP A 459 -22.23 3.62 6.54
C TRP A 459 -23.72 3.57 6.90
N HIS A 460 -24.01 3.20 8.14
CA HIS A 460 -25.38 2.95 8.59
C HIS A 460 -26.00 4.17 9.32
N TYR A 461 -25.61 5.36 8.87
CA TYR A 461 -26.03 6.62 9.47
C TYR A 461 -27.54 6.87 9.39
N HIS A 462 -28.07 7.48 10.45
CA HIS A 462 -29.51 7.70 10.60
C HIS A 462 -29.79 9.00 11.39
N GLY A 463 -31.05 9.44 11.38
CA GLY A 463 -31.46 10.64 12.12
C GLY A 463 -31.56 11.90 11.27
N GLY A 464 -32.05 12.98 11.88
CA GLY A 464 -32.25 14.25 11.18
C GLY A 464 -33.69 14.68 11.08
N SER A 465 -34.60 13.71 11.09
CA SER A 465 -36.05 13.94 11.07
C SER A 465 -36.76 12.89 11.93
N LEU A 466 -36.45 12.90 13.22
CA LEU A 466 -36.86 11.83 14.15
C LEU A 466 -38.36 11.76 14.42
N VAL A 467 -38.84 10.53 14.56
CA VAL A 467 -40.17 10.24 15.11
C VAL A 467 -40.14 10.71 16.56
N GLY A 468 -41.04 11.63 16.90
CA GLY A 468 -41.12 12.20 18.24
C GLY A 468 -40.36 13.50 18.43
N LYS A 469 -39.71 13.99 17.37
CA LYS A 469 -39.03 15.29 17.38
C LYS A 469 -39.50 16.17 16.22
N VAL A 470 -39.53 15.59 15.02
CA VAL A 470 -40.03 16.26 13.81
C VAL A 470 -41.35 15.63 13.36
N LEU A 471 -41.46 14.32 13.51
CA LEU A 471 -42.63 13.57 13.07
C LEU A 471 -43.44 13.02 14.26
N ASP A 472 -44.71 12.70 14.01
CA ASP A 472 -45.53 11.99 14.98
C ASP A 472 -45.35 10.47 14.85
N ASP A 473 -46.17 9.70 15.54
CA ASP A 473 -46.10 8.23 15.52
C ASP A 473 -46.61 7.61 14.20
N SER A 474 -47.21 8.43 13.34
CA SER A 474 -47.65 8.00 12.01
C SER A 474 -46.79 8.60 10.88
N PHE A 475 -45.59 9.08 11.26
CA PHE A 475 -44.55 9.62 10.35
C PHE A 475 -44.87 10.98 9.68
N ARG A 476 -46.02 11.56 10.03
CA ARG A 476 -46.40 12.91 9.56
C ARG A 476 -45.56 13.97 10.27
N VAL A 477 -45.08 14.96 9.50
CA VAL A 477 -44.35 16.12 10.03
C VAL A 477 -45.31 16.94 10.89
N MET A 478 -44.90 17.24 12.12
CA MET A 478 -45.73 17.94 13.10
C MET A 478 -46.14 19.34 12.65
N GLY A 479 -47.44 19.61 12.74
CA GLY A 479 -48.03 20.87 12.29
C GLY A 479 -48.52 20.83 10.87
N ILE A 480 -47.64 20.45 9.95
CA ILE A 480 -47.93 20.41 8.50
C ILE A 480 -48.82 19.21 8.14
N LYS A 481 -49.91 19.52 7.43
CA LYS A 481 -50.84 18.51 6.92
C LYS A 481 -50.35 17.99 5.57
N ALA A 482 -50.72 16.75 5.25
CA ALA A 482 -50.38 16.07 3.98
C ALA A 482 -48.88 15.98 3.66
N LEU A 483 -48.06 15.84 4.70
CA LEU A 483 -46.61 15.67 4.56
C LEU A 483 -46.09 14.63 5.53
N ARG A 484 -45.29 13.69 5.00
CA ARG A 484 -44.69 12.61 5.78
C ARG A 484 -43.21 12.41 5.43
N VAL A 485 -42.48 11.70 6.31
CA VAL A 485 -41.10 11.29 6.06
C VAL A 485 -40.94 9.79 6.35
N VAL A 486 -40.51 9.03 5.33
CA VAL A 486 -40.23 7.59 5.47
C VAL A 486 -38.86 7.25 4.86
N ASP A 487 -37.84 7.21 5.72
CA ASP A 487 -36.46 6.76 5.38
C ASP A 487 -35.64 6.56 6.65
N ALA A 488 -34.31 6.53 6.51
CA ALA A 488 -33.39 6.32 7.64
C ALA A 488 -33.29 7.50 8.62
N SER A 489 -33.71 8.69 8.20
CA SER A 489 -33.68 9.89 9.07
C SER A 489 -34.67 9.86 10.24
N THR A 490 -35.55 8.86 10.25
CA THR A 490 -36.70 8.77 11.17
C THR A 490 -36.40 8.25 12.59
N PHE A 491 -35.32 7.48 12.75
CA PHE A 491 -35.01 6.84 14.04
C PHE A 491 -33.61 7.19 14.59
N PRO A 492 -33.49 7.38 15.92
CA PRO A 492 -32.21 7.76 16.54
C PRO A 492 -31.25 6.60 16.83
N TYR A 493 -31.79 5.38 16.85
CA TYR A 493 -31.00 4.17 17.07
C TYR A 493 -31.26 3.13 15.97
N GLU A 494 -30.28 2.23 15.80
CA GLU A 494 -30.34 1.17 14.79
C GLU A 494 -31.45 0.15 15.07
N PRO A 495 -32.14 -0.33 14.01
CA PRO A 495 -33.10 -1.44 14.19
C PRO A 495 -32.40 -2.79 14.40
N ASN A 496 -31.18 -2.90 13.85
CA ASN A 496 -30.33 -4.10 13.89
C ASN A 496 -28.93 -3.76 13.39
N SER A 497 -28.07 -4.77 13.26
CA SER A 497 -26.70 -4.60 12.76
C SER A 497 -26.64 -4.09 11.32
N HIS A 498 -27.64 -4.45 10.51
CA HIS A 498 -27.75 -4.04 9.11
C HIS A 498 -29.21 -3.64 8.79
N PRO A 499 -29.46 -2.34 8.53
CA PRO A 499 -30.81 -1.76 8.58
C PRO A 499 -31.67 -1.73 7.31
N GLN A 500 -31.09 -2.04 6.14
CA GLN A 500 -31.83 -1.96 4.85
C GLN A 500 -33.14 -2.75 4.87
N GLY A 501 -33.11 -3.95 5.47
CA GLY A 501 -34.26 -4.83 5.61
C GLY A 501 -35.43 -4.21 6.33
N PHE A 502 -35.14 -3.45 7.38
CA PHE A 502 -36.15 -2.68 8.11
C PHE A 502 -36.75 -1.57 7.25
N TYR A 503 -35.90 -0.82 6.55
CA TYR A 503 -36.35 0.33 5.77
C TYR A 503 -37.03 -0.03 4.45
N LEU A 504 -36.68 -1.21 3.90
CA LEU A 504 -37.42 -1.78 2.76
C LEU A 504 -38.85 -2.13 3.19
N MET A 505 -38.96 -2.75 4.36
CA MET A 505 -40.23 -3.09 5.00
C MET A 505 -41.03 -1.84 5.34
N LEU A 506 -40.36 -0.83 5.88
CA LEU A 506 -41.00 0.42 6.33
C LEU A 506 -41.68 1.17 5.20
N GLY A 507 -41.07 1.15 4.01
CA GLY A 507 -41.61 1.76 2.80
C GLY A 507 -43.01 1.26 2.46
N ARG A 508 -43.15 -0.06 2.35
CA ARG A 508 -44.46 -0.68 2.13
C ARG A 508 -45.39 -0.53 3.34
N TYR A 509 -44.83 -0.66 4.55
CA TYR A 509 -45.62 -0.60 5.79
C TYR A 509 -46.43 0.69 5.93
N VAL A 510 -45.74 1.83 5.78
CA VAL A 510 -46.38 3.16 5.84
C VAL A 510 -47.37 3.34 4.68
N GLY A 511 -46.97 2.89 3.49
CA GLY A 511 -47.82 2.87 2.30
C GLY A 511 -49.14 2.12 2.50
N LEU A 512 -49.05 0.93 3.12
CA LEU A 512 -50.22 0.14 3.50
C LEU A 512 -51.07 0.81 4.58
N GLN A 513 -50.41 1.53 5.49
CA GLN A 513 -51.08 2.30 6.54
C GLN A 513 -51.85 3.50 5.99
N ILE A 514 -51.28 4.15 4.97
CA ILE A 514 -51.92 5.29 4.28
C ILE A 514 -53.14 4.81 3.49
N LEU A 515 -53.01 3.69 2.77
CA LEU A 515 -54.12 3.08 2.03
C LEU A 515 -55.25 2.59 2.94
N GLN A 516 -54.89 2.18 4.16
CA GLN A 516 -55.84 1.83 5.22
C GLN A 516 -56.68 3.06 5.63
N GLU A 517 -56.01 4.19 5.81
CA GLU A 517 -56.64 5.46 6.20
C GLU A 517 -57.66 5.96 5.17
N ARG A 518 -57.29 5.86 3.88
CA ARG A 518 -58.12 6.32 2.77
C ARG A 518 -59.37 5.47 2.55
N SER A 519 -59.26 4.17 2.84
CA SER A 519 -60.38 3.23 2.72
C SER A 519 -61.42 3.40 3.83
N ALA B 2 28.94 11.01 -20.33
CA ALA B 2 27.74 10.53 -21.08
C ALA B 2 26.56 11.49 -20.93
N ASN B 3 25.66 11.44 -21.92
CA ASN B 3 24.42 12.22 -21.91
C ASN B 3 23.19 11.31 -21.71
N THR B 4 22.00 11.85 -22.00
CA THR B 4 20.73 11.11 -21.88
C THR B 4 20.58 10.12 -23.04
N SER B 5 20.42 8.83 -22.69
CA SER B 5 20.24 7.75 -23.65
C SER B 5 19.47 6.57 -23.05
N ALA B 6 18.90 5.73 -23.92
CA ALA B 6 18.27 4.47 -23.53
C ALA B 6 19.34 3.44 -23.14
N HIS B 7 18.95 2.44 -22.34
CA HIS B 7 19.84 1.34 -21.94
C HIS B 7 20.26 0.51 -23.16
N ASP B 8 21.55 0.60 -23.50
CA ASP B 8 22.10 -0.05 -24.68
C ASP B 8 22.30 -1.56 -24.45
N PHE B 9 21.39 -2.34 -25.04
CA PHE B 9 21.42 -3.80 -24.95
C PHE B 9 22.02 -4.45 -26.21
N SER B 10 22.90 -3.72 -26.89
CA SER B 10 23.58 -4.21 -28.10
C SER B 10 24.57 -5.36 -27.83
N TYR B 11 24.89 -5.58 -26.57
CA TYR B 11 25.77 -6.68 -26.15
C TYR B 11 25.06 -8.04 -26.18
N LEU B 12 23.73 -8.03 -26.22
CA LEU B 12 22.90 -9.25 -26.19
C LEU B 12 23.14 -10.23 -27.36
N LYS B 13 23.76 -9.73 -28.43
CA LYS B 13 24.13 -10.55 -29.59
C LYS B 13 25.16 -11.64 -29.27
N PHE B 14 26.03 -11.38 -28.29
CA PHE B 14 26.99 -12.38 -27.79
C PHE B 14 26.70 -12.86 -26.36
N VAL B 15 25.43 -12.80 -25.97
CA VAL B 15 24.96 -13.33 -24.69
C VAL B 15 24.16 -14.61 -24.98
N TYR B 16 24.60 -15.70 -24.37
CA TYR B 16 23.98 -17.01 -24.56
C TYR B 16 23.50 -17.60 -23.23
N ASN B 17 22.39 -18.34 -23.30
CA ASN B 17 21.93 -19.16 -22.17
C ASN B 17 22.94 -20.29 -21.95
N ALA B 18 23.29 -20.53 -20.69
CA ALA B 18 24.33 -21.52 -20.33
C ALA B 18 24.07 -22.96 -20.82
N THR B 19 22.81 -23.25 -21.16
CA THR B 19 22.39 -24.51 -21.76
C THR B 19 22.88 -24.66 -23.21
N ASP B 20 23.02 -23.53 -23.90
CA ASP B 20 23.43 -23.49 -25.32
C ASP B 20 24.94 -23.60 -25.53
N THR B 21 25.72 -23.29 -24.50
CA THR B 21 27.19 -23.42 -24.53
C THR B 21 27.60 -24.89 -24.51
N SER B 22 28.81 -25.18 -25.01
CA SER B 22 29.33 -26.55 -25.08
C SER B 22 29.72 -27.10 -23.70
N SER B 23 29.73 -28.43 -23.59
CA SER B 23 30.05 -29.13 -22.34
C SER B 23 31.51 -28.95 -21.92
N GLU B 24 32.41 -28.86 -22.90
CA GLU B 24 33.82 -28.58 -22.67
C GLU B 24 34.26 -27.41 -23.56
N GLY B 25 34.57 -26.28 -22.94
CA GLY B 25 35.00 -25.08 -23.64
C GLY B 25 36.44 -24.70 -23.39
N SER B 26 36.99 -23.85 -24.27
CA SER B 26 38.35 -23.34 -24.14
C SER B 26 38.44 -21.88 -24.56
N TYR B 27 38.89 -21.05 -23.62
CA TYR B 27 39.02 -19.60 -23.82
C TYR B 27 40.37 -19.11 -23.30
N ASP B 28 40.75 -17.90 -23.70
CA ASP B 28 41.97 -17.26 -23.17
C ASP B 28 41.77 -16.77 -21.73
N TYR B 29 40.59 -16.20 -21.45
CA TYR B 29 40.26 -15.71 -20.11
C TYR B 29 38.86 -16.10 -19.66
N ILE B 30 38.74 -16.54 -18.42
CA ILE B 30 37.44 -16.87 -17.81
C ILE B 30 37.19 -15.91 -16.64
N VAL B 31 36.08 -15.16 -16.73
CA VAL B 31 35.67 -14.25 -15.67
C VAL B 31 34.38 -14.74 -15.02
N ILE B 32 34.45 -14.97 -13.72
CA ILE B 32 33.32 -15.46 -12.91
C ILE B 32 32.60 -14.27 -12.30
N GLY B 33 31.35 -14.07 -12.69
CA GLY B 33 30.52 -12.99 -12.16
C GLY B 33 30.48 -11.77 -13.05
N GLY B 34 29.39 -11.63 -13.80
CA GLY B 34 29.18 -10.48 -14.69
C GLY B 34 28.65 -9.29 -13.92
N GLY B 35 29.50 -8.72 -13.08
CA GLY B 35 29.12 -7.64 -12.16
C GLY B 35 29.83 -6.33 -12.36
N THR B 36 29.95 -5.58 -11.26
CA THR B 36 30.54 -4.22 -11.25
C THR B 36 31.98 -4.18 -11.78
N SER B 37 32.80 -5.14 -11.37
CA SER B 37 34.17 -5.25 -11.85
C SER B 37 34.33 -6.26 -12.98
N GLY B 38 33.49 -7.31 -12.98
CA GLY B 38 33.55 -8.40 -13.95
C GLY B 38 33.28 -8.00 -15.40
N CYS B 39 32.25 -7.19 -15.59
CA CYS B 39 31.85 -6.70 -16.93
C CYS B 39 32.90 -5.82 -17.63
N PRO B 40 33.42 -4.75 -16.95
CA PRO B 40 34.46 -3.97 -17.63
C PRO B 40 35.77 -4.73 -17.84
N LEU B 41 36.06 -5.70 -16.95
CA LEU B 41 37.24 -6.56 -17.08
C LEU B 41 37.16 -7.44 -18.34
N ALA B 42 36.08 -8.20 -18.46
CA ALA B 42 35.82 -9.09 -19.60
C ALA B 42 35.85 -8.35 -20.94
N ALA B 43 35.24 -7.17 -20.97
CA ALA B 43 35.19 -6.31 -22.16
C ALA B 43 36.56 -5.78 -22.58
N THR B 44 37.35 -5.36 -21.59
CA THR B 44 38.70 -4.82 -21.82
C THR B 44 39.65 -5.90 -22.33
N LEU B 45 39.57 -7.09 -21.72
CA LEU B 45 40.39 -8.24 -22.12
C LEU B 45 40.00 -8.78 -23.50
N SER B 46 38.73 -8.61 -23.88
CA SER B 46 38.23 -9.08 -25.17
C SER B 46 38.68 -8.23 -26.37
N GLU B 47 39.36 -7.12 -26.09
CA GLU B 47 39.98 -6.28 -27.12
C GLU B 47 41.11 -7.00 -27.87
N LYS B 48 41.71 -8.00 -27.22
CA LYS B 48 42.81 -8.78 -27.81
C LYS B 48 42.69 -10.31 -27.70
N TYR B 49 41.98 -10.79 -26.67
CA TYR B 49 41.89 -12.24 -26.38
C TYR B 49 40.47 -12.75 -26.19
N LYS B 50 40.29 -14.07 -26.35
CA LYS B 50 38.97 -14.72 -26.27
C LYS B 50 38.51 -14.89 -24.82
N VAL B 51 37.45 -14.18 -24.45
CA VAL B 51 36.97 -14.13 -23.06
C VAL B 51 35.58 -14.78 -22.89
N LEU B 52 35.46 -15.61 -21.86
CA LEU B 52 34.17 -16.11 -21.39
C LEU B 52 33.80 -15.45 -20.06
N LEU B 53 32.66 -14.78 -20.06
CA LEU B 53 32.08 -14.22 -18.83
C LEU B 53 30.93 -15.11 -18.36
N LEU B 54 31.01 -15.57 -17.11
CA LEU B 54 30.02 -16.49 -16.54
C LEU B 54 29.24 -15.85 -15.41
N GLU B 55 27.92 -15.77 -15.58
CA GLU B 55 27.03 -15.13 -14.62
C GLU B 55 25.92 -16.09 -14.19
N ARG B 56 25.75 -16.23 -12.87
CA ARG B 56 24.70 -17.07 -12.29
C ARG B 56 23.28 -16.55 -12.57
N GLY B 57 23.17 -15.23 -12.72
CA GLY B 57 21.89 -14.57 -12.94
C GLY B 57 21.49 -14.46 -14.40
N THR B 58 20.28 -13.95 -14.63
CA THR B 58 19.73 -13.76 -15.98
C THR B 58 20.01 -12.35 -16.51
N ILE B 59 19.50 -12.06 -17.71
CA ILE B 59 19.63 -10.74 -18.34
C ILE B 59 18.66 -9.72 -17.74
N ALA B 60 19.07 -8.44 -17.75
CA ALA B 60 18.33 -7.33 -17.12
C ALA B 60 16.93 -7.09 -17.70
N THR B 61 16.77 -7.38 -18.99
CA THR B 61 15.50 -7.22 -19.72
C THR B 61 14.33 -8.03 -19.15
N GLU B 62 14.66 -9.13 -18.45
CA GLU B 62 13.68 -10.01 -17.80
C GLU B 62 12.94 -9.36 -16.63
N TYR B 63 13.60 -8.39 -15.99
CA TYR B 63 13.03 -7.64 -14.87
C TYR B 63 13.08 -6.13 -15.18
N PRO B 64 12.02 -5.58 -15.80
CA PRO B 64 12.02 -4.21 -16.34
C PRO B 64 12.17 -3.09 -15.30
N ASN B 65 11.83 -3.38 -14.04
CA ASN B 65 11.89 -2.41 -12.96
C ASN B 65 13.30 -2.03 -12.51
N THR B 66 14.29 -2.86 -12.90
CA THR B 66 15.70 -2.56 -12.66
C THR B 66 16.24 -1.47 -13.60
N LEU B 67 15.47 -1.16 -14.65
CA LEU B 67 15.91 -0.24 -15.71
C LEU B 67 15.47 1.22 -15.50
N THR B 68 14.76 1.49 -14.41
CA THR B 68 14.33 2.86 -14.04
C THR B 68 14.68 3.22 -12.59
N ALA B 69 14.70 4.52 -12.32
CA ALA B 69 14.84 5.05 -10.95
C ALA B 69 13.59 4.81 -10.10
N ASP B 70 12.43 4.75 -10.76
CA ASP B 70 11.13 4.50 -10.12
C ASP B 70 11.05 3.11 -9.48
N GLY B 71 11.72 2.13 -10.09
CA GLY B 71 11.64 0.74 -9.66
C GLY B 71 12.65 0.29 -8.62
N PHE B 72 13.42 1.24 -8.07
CA PHE B 72 14.44 0.95 -7.05
C PHE B 72 13.86 0.25 -5.81
N ALA B 73 12.70 0.71 -5.37
CA ALA B 73 11.98 0.10 -4.26
C ALA B 73 11.39 -1.26 -4.64
N TYR B 74 10.85 -1.36 -5.86
CA TYR B 74 10.18 -2.57 -6.36
C TYR B 74 11.07 -3.82 -6.30
N ASN B 75 12.32 -3.68 -6.72
CA ASN B 75 13.28 -4.78 -6.76
C ASN B 75 13.61 -5.33 -5.37
N LEU B 76 13.71 -4.43 -4.39
CA LEU B 76 13.91 -4.80 -2.98
C LEU B 76 12.64 -5.40 -2.36
N GLN B 77 11.49 -4.91 -2.80
CA GLN B 77 10.16 -5.39 -2.35
C GLN B 77 9.84 -6.78 -2.88
N GLN B 78 10.35 -7.09 -4.07
CA GLN B 78 10.08 -8.33 -4.80
C GLN B 78 10.50 -9.56 -4.01
N GLN B 79 9.68 -10.62 -4.10
CA GLN B 79 9.93 -11.88 -3.40
C GLN B 79 11.11 -12.65 -4.00
N ASP B 80 12.03 -13.07 -3.13
CA ASP B 80 13.18 -13.88 -3.52
C ASP B 80 12.75 -15.32 -3.84
N ASP B 81 12.76 -15.65 -5.13
CA ASP B 81 12.42 -16.99 -5.62
C ASP B 81 13.62 -17.76 -6.19
N GLY B 82 14.81 -17.16 -6.08
CA GLY B 82 16.05 -17.74 -6.61
C GLY B 82 16.45 -17.20 -7.97
N LYS B 83 15.48 -16.64 -8.70
CA LYS B 83 15.68 -16.14 -10.06
C LYS B 83 15.67 -14.61 -10.13
N THR B 84 15.09 -13.97 -9.10
CA THR B 84 14.97 -12.52 -9.00
C THR B 84 16.33 -11.81 -8.90
N PRO B 85 16.46 -10.57 -9.45
CA PRO B 85 17.76 -9.86 -9.48
C PRO B 85 18.28 -9.46 -8.10
N VAL B 86 17.41 -9.47 -7.10
CA VAL B 86 17.79 -9.16 -5.72
C VAL B 86 17.71 -10.43 -4.87
N GLU B 87 18.86 -10.83 -4.30
CA GLU B 87 18.96 -11.99 -3.42
C GLU B 87 19.00 -11.53 -1.97
N ARG B 88 18.02 -12.00 -1.19
CA ARG B 88 17.88 -11.64 0.21
C ARG B 88 18.71 -12.54 1.12
N PHE B 89 19.33 -11.93 2.13
CA PHE B 89 20.02 -12.65 3.20
C PHE B 89 20.00 -11.87 4.51
N VAL B 90 19.84 -12.59 5.62
CA VAL B 90 19.91 -11.99 6.95
C VAL B 90 21.27 -12.33 7.54
N SER B 91 22.02 -11.27 7.85
CA SER B 91 23.32 -11.38 8.52
C SER B 91 23.19 -12.03 9.90
N GLU B 92 24.25 -12.72 10.33
CA GLU B 92 24.29 -13.34 11.67
C GLU B 92 24.21 -12.33 12.82
N ASP B 93 24.34 -11.04 12.48
CA ASP B 93 24.11 -9.93 13.40
C ASP B 93 22.61 -9.68 13.59
N GLY B 94 21.80 -10.14 12.65
CA GLY B 94 20.34 -9.98 12.67
C GLY B 94 19.82 -8.84 11.80
N ILE B 95 20.62 -8.46 10.79
CA ILE B 95 20.32 -7.30 9.93
C ILE B 95 19.99 -7.76 8.51
N ASP B 96 18.87 -7.26 7.99
CA ASP B 96 18.45 -7.52 6.60
C ASP B 96 19.42 -6.87 5.61
N ASN B 97 19.83 -7.66 4.63
CA ASN B 97 20.78 -7.22 3.60
C ASN B 97 20.50 -7.92 2.26
N VAL B 98 21.00 -7.33 1.18
CA VAL B 98 20.77 -7.84 -0.17
C VAL B 98 22.05 -7.92 -1.00
N ARG B 99 22.07 -8.83 -1.96
CA ARG B 99 23.10 -8.87 -3.01
C ARG B 99 22.47 -9.16 -4.37
N ALA B 100 23.13 -8.70 -5.43
CA ALA B 100 22.62 -8.84 -6.79
C ALA B 100 22.82 -10.24 -7.38
N ARG B 101 21.92 -10.59 -8.30
CA ARG B 101 21.93 -11.87 -9.01
C ARG B 101 21.37 -11.61 -10.41
N ILE B 102 22.21 -11.02 -11.26
CA ILE B 102 21.80 -10.47 -12.56
C ILE B 102 23.03 -10.03 -13.37
N LEU B 103 22.93 -10.11 -14.69
CA LEU B 103 23.98 -9.61 -15.59
C LEU B 103 24.06 -8.09 -15.51
N GLY B 104 25.24 -7.60 -15.14
CA GLY B 104 25.45 -6.21 -14.76
C GLY B 104 25.78 -6.09 -13.29
N GLY B 105 25.37 -7.09 -12.51
CA GLY B 105 25.68 -7.17 -11.08
C GLY B 105 24.92 -6.17 -10.24
N THR B 106 25.60 -5.64 -9.23
CA THR B 106 25.00 -4.74 -8.23
C THR B 106 24.60 -3.38 -8.80
N THR B 107 25.28 -2.94 -9.85
CA THR B 107 24.98 -1.69 -10.56
C THR B 107 23.56 -1.67 -11.19
N ILE B 108 22.97 -2.86 -11.34
CA ILE B 108 21.62 -3.03 -11.90
C ILE B 108 20.53 -2.79 -10.83
N ILE B 109 20.89 -2.92 -9.56
CA ILE B 109 19.91 -2.79 -8.44
C ILE B 109 20.22 -1.68 -7.41
N ASN B 110 21.36 -1.01 -7.56
CA ASN B 110 21.83 -0.03 -6.58
C ASN B 110 21.11 1.34 -6.62
N ALA B 111 21.51 2.23 -5.72
CA ALA B 111 20.96 3.59 -5.65
C ALA B 111 21.61 4.56 -6.65
N GLY B 112 22.63 4.08 -7.37
CA GLY B 112 23.19 4.76 -8.52
C GLY B 112 24.01 6.02 -8.29
N VAL B 113 24.60 6.14 -7.10
CA VAL B 113 25.44 7.29 -6.77
C VAL B 113 26.87 7.03 -7.27
N TYR B 114 27.32 7.86 -8.21
CA TYR B 114 28.67 7.74 -8.78
C TYR B 114 29.65 8.72 -8.14
N ALA B 115 30.80 8.19 -7.73
CA ALA B 115 31.91 8.98 -7.19
C ALA B 115 33.26 8.30 -7.46
N ARG B 116 34.26 9.13 -7.77
CA ARG B 116 35.66 8.69 -7.83
C ARG B 116 36.18 8.48 -6.43
N ALA B 117 37.23 7.66 -6.30
CA ALA B 117 37.84 7.35 -5.01
C ALA B 117 38.58 8.55 -4.41
N ASN B 118 38.53 8.64 -3.08
CA ASN B 118 39.38 9.52 -2.29
C ASN B 118 40.85 9.30 -2.70
N ILE B 119 41.51 10.38 -3.08
CA ILE B 119 42.89 10.30 -3.64
C ILE B 119 43.95 9.79 -2.65
N SER B 120 43.65 9.87 -1.36
CA SER B 120 44.50 9.34 -0.28
C SER B 120 44.50 7.81 -0.23
N PHE B 121 43.45 7.20 -0.78
CA PHE B 121 43.27 5.73 -0.84
C PHE B 121 44.43 5.01 -1.55
N TYR B 122 44.89 5.59 -2.66
CA TYR B 122 45.95 5.01 -3.48
C TYR B 122 47.28 4.90 -2.72
N SER B 123 47.58 5.90 -1.89
CA SER B 123 48.81 5.96 -1.10
C SER B 123 48.80 4.96 0.06
N GLN B 124 47.68 4.87 0.77
CA GLN B 124 47.56 4.03 1.97
C GLN B 124 47.52 2.52 1.70
N THR B 125 47.12 2.14 0.48
CA THR B 125 47.11 0.74 0.04
C THR B 125 48.53 0.18 -0.14
N GLY B 126 49.44 1.03 -0.60
CA GLY B 126 50.83 0.65 -0.86
C GLY B 126 51.06 -0.05 -2.18
N ILE B 127 50.04 -0.04 -3.04
CA ILE B 127 50.13 -0.56 -4.40
C ILE B 127 50.68 0.54 -5.31
N GLU B 128 51.53 0.16 -6.27
CA GLU B 128 52.06 1.08 -7.27
C GLU B 128 51.00 1.34 -8.35
N TRP B 129 50.08 2.26 -8.07
CA TRP B 129 49.02 2.65 -9.01
C TRP B 129 49.59 3.54 -10.11
N ASP B 130 49.10 3.33 -11.33
CA ASP B 130 49.33 4.28 -12.42
C ASP B 130 48.19 5.29 -12.38
N LEU B 131 48.45 6.43 -11.74
CA LEU B 131 47.47 7.51 -11.55
C LEU B 131 46.99 8.13 -12.86
N ASP B 132 47.87 8.13 -13.86
CA ASP B 132 47.58 8.61 -15.21
C ASP B 132 46.56 7.71 -15.91
N LEU B 133 46.75 6.40 -15.76
CA LEU B 133 45.87 5.38 -16.35
C LEU B 133 44.57 5.21 -15.58
N VAL B 134 44.63 5.36 -14.25
CA VAL B 134 43.46 5.29 -13.36
C VAL B 134 42.43 6.37 -13.72
N ASN B 135 42.93 7.61 -13.86
CA ASN B 135 42.13 8.75 -14.32
C ASN B 135 41.59 8.59 -15.74
N LYS B 136 42.40 7.99 -16.61
CA LYS B 136 41.99 7.61 -17.97
C LYS B 136 40.86 6.58 -17.95
N THR B 137 40.95 5.62 -17.03
CA THR B 137 39.93 4.57 -16.84
C THR B 137 38.62 5.13 -16.28
N TYR B 138 38.72 6.10 -15.38
CA TYR B 138 37.54 6.79 -14.83
C TYR B 138 36.72 7.49 -15.90
N GLU B 139 37.42 8.23 -16.78
CA GLU B 139 36.82 8.94 -17.92
C GLU B 139 36.11 7.99 -18.89
N TRP B 140 36.69 6.80 -19.07
CA TRP B 140 36.15 5.73 -19.90
C TRP B 140 34.80 5.23 -19.37
N VAL B 141 34.69 5.07 -18.05
CA VAL B 141 33.44 4.70 -17.38
C VAL B 141 32.44 5.87 -17.46
N GLU B 142 32.93 7.08 -17.16
CA GLU B 142 32.13 8.31 -17.13
C GLU B 142 31.44 8.66 -18.45
N ASP B 143 32.21 8.60 -19.55
CA ASP B 143 31.71 8.88 -20.90
C ASP B 143 30.69 7.85 -21.41
N ALA B 144 30.54 6.75 -20.67
CA ALA B 144 29.62 5.68 -21.05
C ALA B 144 28.32 5.66 -20.22
N ILE B 145 28.46 5.69 -18.89
CA ILE B 145 27.31 5.45 -18.00
C ILE B 145 27.02 6.51 -16.92
N VAL B 146 27.76 7.62 -16.94
CA VAL B 146 27.64 8.68 -15.90
C VAL B 146 27.21 10.03 -16.49
N VAL B 147 26.28 10.70 -15.81
CA VAL B 147 25.78 12.03 -16.19
C VAL B 147 25.95 13.06 -15.07
N LYS B 148 25.79 14.35 -15.41
CA LYS B 148 25.62 15.42 -14.43
C LYS B 148 24.11 15.58 -14.16
N PRO B 149 23.66 15.23 -12.94
CA PRO B 149 22.22 15.22 -12.64
C PRO B 149 21.62 16.62 -12.53
N ASN B 150 20.37 16.75 -13.00
CA ASN B 150 19.59 17.99 -12.87
C ASN B 150 19.21 18.26 -11.41
N ASN B 151 18.85 19.52 -11.13
CA ASN B 151 18.34 19.94 -9.83
C ASN B 151 17.12 19.12 -9.42
N GLN B 152 17.13 18.68 -8.17
CA GLN B 152 15.98 17.99 -7.56
C GLN B 152 15.67 18.72 -6.27
N SER B 153 14.39 19.09 -6.10
CA SER B 153 13.95 19.96 -4.99
C SER B 153 14.46 19.54 -3.61
N TRP B 154 14.30 18.26 -3.28
CA TRP B 154 14.73 17.73 -1.98
C TRP B 154 16.26 17.61 -1.83
N GLN B 155 16.93 17.20 -2.90
CA GLN B 155 18.39 17.07 -2.92
C GLN B 155 19.08 18.43 -2.78
N SER B 156 18.48 19.46 -3.38
CA SER B 156 18.92 20.85 -3.23
C SER B 156 18.64 21.40 -1.83
N VAL B 157 17.53 20.94 -1.22
CA VAL B 157 17.17 21.29 0.16
C VAL B 157 18.15 20.67 1.17
N ILE B 158 18.49 19.41 0.94
CA ILE B 158 19.49 18.69 1.74
C ILE B 158 20.89 19.30 1.52
N GLY B 159 21.19 19.65 0.27
CA GLY B 159 22.43 20.37 -0.08
C GLY B 159 22.54 21.73 0.57
N GLU B 160 21.42 22.45 0.61
CA GLU B 160 21.33 23.75 1.30
C GLU B 160 21.44 23.60 2.81
N GLY B 161 20.96 22.47 3.32
CA GLY B 161 21.02 22.14 4.75
C GLY B 161 22.42 21.78 5.23
N PHE B 162 23.14 20.98 4.44
CA PHE B 162 24.51 20.55 4.77
C PHE B 162 25.46 21.73 4.95
N LEU B 163 25.36 22.72 4.05
CA LEU B 163 26.18 23.93 4.09
C LEU B 163 25.86 24.80 5.30
N GLU B 164 24.58 24.87 5.66
CA GLU B 164 24.11 25.61 6.83
C GLU B 164 24.50 24.91 8.13
N ALA B 165 24.52 23.57 8.10
CA ALA B 165 25.02 22.76 9.21
C ALA B 165 26.53 22.88 9.39
N GLY B 166 27.23 23.25 8.31
CA GLY B 166 28.66 23.53 8.36
C GLY B 166 29.58 22.52 7.70
N ILE B 167 29.04 21.72 6.79
CA ILE B 167 29.84 20.77 6.01
C ILE B 167 30.42 21.51 4.80
N LEU B 168 31.51 22.22 5.06
CA LEU B 168 32.11 23.17 4.12
C LEU B 168 33.37 22.60 3.47
N PRO B 169 33.70 23.02 2.24
CA PRO B 169 32.97 24.05 1.49
C PRO B 169 32.01 23.50 0.44
N ASP B 170 31.37 24.41 -0.31
CA ASP B 170 30.60 24.06 -1.50
C ASP B 170 31.59 23.71 -2.61
N ASN B 171 31.60 22.44 -2.99
CA ASN B 171 32.48 21.94 -4.06
C ASN B 171 31.85 22.03 -5.45
N GLY B 172 30.58 22.44 -5.49
CA GLY B 172 29.79 22.50 -6.72
C GLY B 172 29.53 21.10 -7.26
N PHE B 173 29.59 20.95 -8.58
CA PHE B 173 29.55 19.64 -9.19
C PHE B 173 30.97 19.11 -9.40
N SER B 174 31.29 18.05 -8.67
CA SER B 174 32.53 17.29 -8.85
C SER B 174 32.30 15.82 -8.52
N LEU B 175 33.07 14.96 -9.17
CA LEU B 175 32.98 13.51 -8.97
C LEU B 175 33.87 13.05 -7.81
N ASP B 176 34.77 13.93 -7.39
CA ASP B 176 35.79 13.63 -6.39
C ASP B 176 35.27 13.58 -4.96
N HIS B 177 35.78 12.61 -4.21
CA HIS B 177 35.44 12.44 -2.80
C HIS B 177 36.29 13.36 -1.92
N GLU B 178 35.83 14.61 -1.81
CA GLU B 178 36.47 15.64 -0.99
C GLU B 178 35.58 16.04 0.18
N ALA B 179 36.17 16.61 1.21
CA ALA B 179 35.44 17.14 2.36
C ALA B 179 34.58 18.33 1.93
N GLY B 180 33.33 18.34 2.40
CA GLY B 180 32.38 19.40 2.09
C GLY B 180 31.09 18.89 1.46
N THR B 181 30.33 19.83 0.89
CA THR B 181 29.06 19.53 0.23
C THR B 181 29.19 19.68 -1.29
N ARG B 182 28.70 18.68 -2.03
CA ARG B 182 28.76 18.67 -3.48
C ARG B 182 27.58 17.95 -4.14
N LEU B 183 27.33 18.29 -5.40
CA LEU B 183 26.55 17.45 -6.30
C LEU B 183 27.55 16.52 -6.98
N THR B 184 27.26 15.22 -6.95
CA THR B 184 28.13 14.21 -7.57
C THR B 184 27.46 13.53 -8.78
N GLY B 185 28.19 12.62 -9.43
CA GLY B 185 27.68 11.89 -10.59
C GLY B 185 26.61 10.88 -10.27
N SER B 186 25.83 10.51 -11.29
CA SER B 186 24.78 9.49 -11.19
C SER B 186 24.81 8.55 -12.40
N THR B 187 24.59 7.27 -12.13
CA THR B 187 24.42 6.26 -13.18
C THR B 187 22.95 6.13 -13.63
N PHE B 188 22.04 6.77 -12.89
CA PHE B 188 20.72 7.09 -13.40
C PHE B 188 20.86 8.36 -14.23
N ASP B 189 20.44 8.31 -15.50
CA ASP B 189 20.46 9.51 -16.34
C ASP B 189 19.25 10.41 -16.02
N ASN B 190 19.23 11.61 -16.62
CA ASN B 190 18.18 12.60 -16.34
C ASN B 190 16.78 12.21 -16.82
N ASN B 191 16.72 11.23 -17.72
CA ASN B 191 15.46 10.64 -18.19
C ASN B 191 14.92 9.58 -17.22
N GLY B 192 15.75 9.15 -16.27
CA GLY B 192 15.38 8.15 -15.27
C GLY B 192 15.84 6.74 -15.59
N THR B 193 16.39 6.54 -16.79
CA THR B 193 16.90 5.25 -17.25
C THR B 193 18.17 4.90 -16.47
N ARG B 194 18.22 3.67 -15.96
CA ARG B 194 19.41 3.19 -15.28
C ARG B 194 20.47 2.77 -16.28
N HIS B 195 21.70 3.21 -16.02
CA HIS B 195 22.87 2.74 -16.75
C HIS B 195 23.78 1.98 -15.80
N ALA B 196 24.33 0.87 -16.28
CA ALA B 196 25.04 -0.08 -15.42
C ALA B 196 26.23 -0.77 -16.10
N ALA B 197 26.90 -1.65 -15.34
CA ALA B 197 28.09 -2.39 -15.77
C ALA B 197 27.90 -3.24 -17.03
N ASP B 198 26.69 -3.81 -17.19
CA ASP B 198 26.33 -4.60 -18.37
C ASP B 198 26.46 -3.84 -19.68
N GLU B 199 26.25 -2.52 -19.63
CA GLU B 199 26.41 -1.66 -20.80
C GLU B 199 27.86 -1.47 -21.24
N LEU B 200 28.80 -1.72 -20.31
CA LEU B 200 30.23 -1.64 -20.61
C LEU B 200 30.70 -2.85 -21.43
N LEU B 201 29.88 -3.90 -21.51
CA LEU B 201 30.12 -5.05 -22.37
C LEU B 201 30.07 -4.69 -23.86
N ASN B 202 29.34 -3.62 -24.19
CA ASN B 202 29.27 -3.06 -25.54
C ASN B 202 30.60 -2.53 -26.06
N LYS B 203 31.50 -2.22 -25.14
CA LYS B 203 32.82 -1.69 -25.45
C LYS B 203 33.83 -2.79 -25.78
N GLY B 204 33.42 -4.04 -25.57
CA GLY B 204 34.23 -5.23 -25.90
C GLY B 204 33.95 -5.75 -27.30
N ASP B 205 34.90 -6.53 -27.83
CA ASP B 205 34.80 -7.10 -29.17
C ASP B 205 33.84 -8.28 -29.22
N PRO B 206 32.83 -8.23 -30.13
CA PRO B 206 31.82 -9.29 -30.26
C PRO B 206 32.36 -10.64 -30.72
N ASN B 207 33.46 -10.64 -31.47
CA ASN B 207 34.08 -11.86 -31.98
C ASN B 207 34.91 -12.61 -30.94
N ASN B 208 35.35 -11.89 -29.90
CA ASN B 208 36.17 -12.46 -28.83
C ASN B 208 35.38 -12.78 -27.57
N LEU B 209 34.44 -11.90 -27.21
CA LEU B 209 33.66 -12.04 -25.98
C LEU B 209 32.43 -12.91 -26.14
N LEU B 210 32.32 -13.93 -25.29
CA LEU B 210 31.10 -14.72 -25.13
C LEU B 210 30.65 -14.60 -23.69
N VAL B 211 29.39 -14.18 -23.50
CA VAL B 211 28.80 -14.05 -22.18
C VAL B 211 27.77 -15.17 -22.01
N ALA B 212 27.86 -15.88 -20.87
CA ALA B 212 26.92 -16.95 -20.56
C ALA B 212 26.15 -16.64 -19.28
N VAL B 213 24.88 -16.28 -19.46
CA VAL B 213 23.95 -16.04 -18.35
C VAL B 213 23.37 -17.35 -17.81
N GLN B 214 22.86 -17.29 -16.58
CA GLN B 214 22.37 -18.46 -15.82
C GLN B 214 23.40 -19.60 -15.72
N ALA B 215 24.65 -19.21 -15.49
CA ALA B 215 25.78 -20.12 -15.34
C ALA B 215 26.28 -20.14 -13.90
N SER B 216 25.82 -21.15 -13.15
CA SER B 216 26.14 -21.29 -11.73
C SER B 216 27.52 -21.95 -11.55
N VAL B 217 28.55 -21.12 -11.36
CA VAL B 217 29.94 -21.58 -11.22
C VAL B 217 30.15 -22.23 -9.85
N GLU B 218 30.57 -23.50 -9.87
CA GLU B 218 30.59 -24.35 -8.67
C GLU B 218 31.98 -24.62 -8.11
N LYS B 219 32.99 -24.63 -8.99
CA LYS B 219 34.36 -24.99 -8.60
C LYS B 219 35.40 -24.37 -9.54
N ILE B 220 36.53 -23.97 -8.98
CA ILE B 220 37.73 -23.65 -9.76
C ILE B 220 38.56 -24.94 -9.85
N LEU B 221 39.00 -25.26 -11.06
CA LEU B 221 39.84 -26.43 -11.32
C LEU B 221 41.32 -26.07 -11.28
N PHE B 222 42.12 -26.95 -10.69
CA PHE B 222 43.57 -26.77 -10.54
C PHE B 222 44.36 -27.94 -11.12
N SER B 223 45.60 -27.65 -11.52
CA SER B 223 46.52 -28.64 -12.11
C SER B 223 46.98 -29.69 -11.10
N ASN B 228 54.45 -25.31 -8.40
CA ASN B 228 53.89 -25.05 -9.73
C ASN B 228 52.38 -25.36 -9.84
N LEU B 229 51.64 -24.86 -8.85
CA LEU B 229 50.18 -25.00 -8.82
C LEU B 229 49.51 -23.90 -9.67
N SER B 230 48.71 -24.34 -10.64
CA SER B 230 48.01 -23.43 -11.55
C SER B 230 46.51 -23.72 -11.61
N ALA B 231 45.73 -22.65 -11.75
CA ALA B 231 44.31 -22.75 -12.04
C ALA B 231 44.12 -23.03 -13.53
N ILE B 232 43.50 -24.16 -13.83
CA ILE B 232 43.32 -24.64 -15.22
C ILE B 232 41.95 -24.31 -15.83
N GLY B 233 40.98 -23.98 -14.99
CA GLY B 233 39.63 -23.63 -15.43
C GLY B 233 38.56 -23.73 -14.36
N VAL B 234 37.32 -23.93 -14.79
CA VAL B 234 36.15 -23.98 -13.89
C VAL B 234 35.13 -25.05 -14.25
N ILE B 235 34.22 -25.35 -13.31
CA ILE B 235 33.01 -26.13 -13.57
C ILE B 235 31.78 -25.27 -13.23
N TYR B 236 30.86 -25.15 -14.19
CA TYR B 236 29.59 -24.46 -14.00
C TYR B 236 28.39 -25.30 -14.46
N THR B 237 27.28 -25.18 -13.74
CA THR B 237 26.04 -25.89 -14.11
C THR B 237 24.93 -24.94 -14.57
N ASP B 238 24.23 -25.33 -15.64
CA ASP B 238 23.16 -24.53 -16.25
C ASP B 238 21.80 -24.67 -15.53
N SER B 239 20.78 -24.04 -16.10
CA SER B 239 19.40 -24.04 -15.57
C SER B 239 18.75 -25.42 -15.55
N ASP B 240 19.15 -26.28 -16.49
CA ASP B 240 18.69 -27.68 -16.52
C ASP B 240 19.39 -28.52 -15.45
N GLY B 241 20.59 -28.10 -15.05
CA GLY B 241 21.39 -28.80 -14.03
C GLY B 241 22.53 -29.63 -14.59
N ASN B 242 22.85 -29.43 -15.86
CA ASN B 242 23.93 -30.16 -16.54
C ASN B 242 25.28 -29.48 -16.33
N SER B 243 26.29 -30.29 -16.02
CA SER B 243 27.65 -29.80 -15.77
C SER B 243 28.39 -29.42 -17.05
N HIS B 244 29.02 -28.25 -17.01
CA HIS B 244 29.92 -27.78 -18.06
C HIS B 244 31.32 -27.56 -17.49
N GLN B 245 32.33 -27.65 -18.35
CA GLN B 245 33.72 -27.37 -17.98
C GLN B 245 34.31 -26.37 -18.96
N ALA B 246 35.06 -25.42 -18.43
CA ALA B 246 35.76 -24.43 -19.25
C ALA B 246 37.22 -24.35 -18.82
N PHE B 247 38.11 -24.21 -19.80
CA PHE B 247 39.56 -24.22 -19.55
C PHE B 247 40.25 -23.00 -20.15
N VAL B 248 41.34 -22.57 -19.51
CA VAL B 248 42.20 -21.50 -20.04
C VAL B 248 43.31 -22.05 -20.94
N ARG B 249 43.76 -21.22 -21.88
CA ARG B 249 44.91 -21.53 -22.74
C ARG B 249 46.23 -21.01 -22.13
N GLY B 250 47.32 -21.17 -22.87
CA GLY B 250 48.66 -20.73 -22.42
C GLY B 250 48.73 -19.27 -22.07
N ASN B 251 49.24 -19.00 -20.86
CA ASN B 251 49.26 -17.66 -20.21
C ASN B 251 47.88 -17.15 -19.78
N GLY B 252 46.83 -17.86 -20.19
CA GLY B 252 45.44 -17.49 -19.88
C GLY B 252 45.11 -17.65 -18.41
N GLU B 253 44.30 -16.72 -17.91
CA GLU B 253 43.98 -16.65 -16.48
C GLU B 253 42.48 -16.73 -16.20
N VAL B 254 42.15 -17.36 -15.07
CA VAL B 254 40.79 -17.39 -14.54
C VAL B 254 40.70 -16.30 -13.47
N ILE B 255 39.80 -15.33 -13.66
CA ILE B 255 39.63 -14.23 -12.71
C ILE B 255 38.28 -14.30 -12.00
N VAL B 256 38.29 -14.19 -10.67
CA VAL B 256 37.08 -14.26 -9.85
C VAL B 256 36.59 -12.85 -9.49
N SER B 257 35.39 -12.52 -9.97
CA SER B 257 34.73 -11.24 -9.74
C SER B 257 33.32 -11.46 -9.18
N ALA B 258 33.18 -12.50 -8.36
CA ALA B 258 31.89 -12.92 -7.84
C ALA B 258 31.36 -12.09 -6.66
N GLY B 259 32.22 -11.21 -6.13
CA GLY B 259 31.83 -10.27 -5.07
C GLY B 259 32.24 -10.65 -3.66
N THR B 260 31.94 -9.76 -2.72
CA THR B 260 32.28 -9.90 -1.29
C THR B 260 31.76 -11.21 -0.67
N ILE B 261 30.61 -11.68 -1.15
CA ILE B 261 30.01 -12.93 -0.69
C ILE B 261 30.39 -14.09 -1.65
N GLY B 262 30.30 -13.83 -2.95
CA GLY B 262 30.56 -14.85 -3.96
C GLY B 262 31.99 -15.37 -4.07
N THR B 263 32.95 -14.44 -4.05
CA THR B 263 34.37 -14.76 -4.24
C THR B 263 34.98 -15.64 -3.11
N PRO B 264 34.80 -15.26 -1.82
CA PRO B 264 35.23 -16.18 -0.75
C PRO B 264 34.54 -17.55 -0.80
N GLN B 265 33.22 -17.57 -1.03
CA GLN B 265 32.44 -18.81 -1.11
C GLN B 265 33.00 -19.79 -2.14
N LEU B 266 33.32 -19.28 -3.34
CA LEU B 266 33.83 -20.10 -4.43
C LEU B 266 35.26 -20.58 -4.18
N LEU B 267 36.10 -19.71 -3.63
CA LEU B 267 37.48 -20.04 -3.27
C LEU B 267 37.55 -21.14 -2.22
N LEU B 268 36.67 -21.05 -1.20
CA LEU B 268 36.52 -22.09 -0.18
C LEU B 268 36.01 -23.42 -0.76
N LEU B 269 35.02 -23.33 -1.65
CA LEU B 269 34.48 -24.51 -2.36
C LEU B 269 35.50 -25.21 -3.27
N SER B 270 36.47 -24.44 -3.75
CA SER B 270 37.55 -24.93 -4.60
C SER B 270 38.74 -25.48 -3.80
N GLY B 271 38.70 -25.30 -2.48
CA GLY B 271 39.73 -25.82 -1.58
C GLY B 271 40.84 -24.83 -1.23
N VAL B 272 40.58 -23.55 -1.47
CA VAL B 272 41.49 -22.47 -1.09
C VAL B 272 40.91 -21.81 0.16
N GLY B 273 41.61 -21.95 1.28
CA GLY B 273 41.15 -21.42 2.57
C GLY B 273 41.90 -21.93 3.79
N PRO B 274 41.31 -21.72 5.00
CA PRO B 274 41.91 -22.22 6.24
C PRO B 274 41.91 -23.75 6.28
N GLU B 275 43.06 -24.31 6.63
CA GLU B 275 43.33 -25.74 6.50
C GLU B 275 42.40 -26.63 7.33
N SER B 276 42.32 -26.37 8.63
CA SER B 276 41.49 -27.16 9.55
C SER B 276 40.00 -26.92 9.36
N TYR B 277 39.65 -25.74 8.84
CA TYR B 277 38.27 -25.41 8.47
C TYR B 277 37.80 -26.25 7.27
N LEU B 278 38.63 -26.33 6.23
CA LEU B 278 38.31 -27.10 5.02
C LEU B 278 38.20 -28.60 5.31
N SER B 279 39.05 -29.09 6.20
CA SER B 279 39.09 -30.50 6.59
C SER B 279 37.89 -30.91 7.46
N SER B 280 37.34 -29.95 8.21
CA SER B 280 36.17 -30.18 9.06
C SER B 280 34.88 -30.40 8.26
N LEU B 281 34.90 -29.94 7.00
CA LEU B 281 33.78 -30.10 6.07
C LEU B 281 34.08 -31.14 4.97
N ASN B 282 35.24 -31.79 5.08
CA ASN B 282 35.78 -32.75 4.08
C ASN B 282 35.96 -32.18 2.67
N ILE B 283 36.42 -30.93 2.61
CA ILE B 283 36.83 -30.27 1.37
C ILE B 283 38.33 -30.47 1.21
N THR B 284 38.73 -31.01 0.06
CA THR B 284 40.14 -31.27 -0.25
C THR B 284 40.91 -29.96 -0.40
N VAL B 285 41.93 -29.79 0.44
CA VAL B 285 42.76 -28.59 0.47
C VAL B 285 43.72 -28.60 -0.72
N VAL B 286 43.65 -27.53 -1.51
CA VAL B 286 44.53 -27.35 -2.67
C VAL B 286 45.61 -26.32 -2.32
N GLN B 287 45.17 -25.18 -1.77
CA GLN B 287 46.05 -24.11 -1.34
C GLN B 287 45.62 -23.61 0.05
N PRO B 288 46.44 -23.86 1.09
CA PRO B 288 46.11 -23.38 2.43
C PRO B 288 46.36 -21.89 2.56
N ASN B 289 45.33 -21.15 2.99
CA ASN B 289 45.39 -19.71 3.21
C ASN B 289 44.37 -19.29 4.27
N PRO B 290 44.83 -18.96 5.50
CA PRO B 290 43.92 -18.70 6.63
C PRO B 290 43.07 -17.42 6.50
N TYR B 291 43.21 -16.70 5.39
CA TYR B 291 42.59 -15.38 5.20
C TYR B 291 41.40 -15.34 4.22
N VAL B 292 41.18 -16.44 3.50
CA VAL B 292 40.05 -16.58 2.59
C VAL B 292 38.75 -16.59 3.40
N GLY B 293 37.91 -15.60 3.13
CA GLY B 293 36.66 -15.41 3.86
C GLY B 293 36.81 -14.62 5.15
N GLN B 294 38.05 -14.30 5.50
CA GLN B 294 38.35 -13.51 6.70
C GLN B 294 38.44 -12.01 6.38
N PHE B 295 38.26 -11.19 7.41
CA PHE B 295 38.24 -9.72 7.32
C PHE B 295 37.15 -9.21 6.36
N VAL B 296 35.90 -9.44 6.77
CA VAL B 296 34.73 -9.03 5.98
C VAL B 296 34.07 -7.83 6.67
N TYR B 297 33.99 -6.73 5.93
CA TYR B 297 33.59 -5.42 6.45
C TYR B 297 32.26 -4.97 5.85
N ASP B 298 31.43 -4.33 6.67
CA ASP B 298 30.24 -3.61 6.20
C ASP B 298 30.09 -2.30 6.94
N ASN B 299 30.12 -1.19 6.20
CA ASN B 299 29.93 0.14 6.76
C ASN B 299 28.51 0.30 7.31
N PRO B 300 28.38 0.72 8.59
CA PRO B 300 27.08 0.96 9.21
C PRO B 300 26.28 2.10 8.58
N ARG B 301 24.96 1.86 8.45
CA ARG B 301 24.01 2.89 8.04
C ARG B 301 23.10 3.21 9.22
N ASN B 302 23.13 4.48 9.64
CA ASN B 302 22.19 5.00 10.63
C ASN B 302 21.44 6.19 10.06
N PHE B 303 20.14 6.25 10.37
CA PHE B 303 19.19 7.05 9.62
C PHE B 303 18.11 7.73 10.44
N ILE B 304 17.48 8.75 9.84
CA ILE B 304 16.31 9.43 10.39
C ILE B 304 15.28 9.59 9.27
N ASN B 305 14.04 9.21 9.56
CA ASN B 305 12.92 9.37 8.62
C ASN B 305 11.96 10.45 9.07
N ILE B 306 11.79 11.49 8.26
CA ILE B 306 10.84 12.58 8.54
C ILE B 306 9.60 12.53 7.64
N LEU B 307 8.45 12.91 8.19
CA LEU B 307 7.17 12.88 7.47
C LEU B 307 6.56 14.28 7.37
N PRO B 308 6.88 15.02 6.28
CA PRO B 308 6.41 16.40 6.08
C PRO B 308 4.87 16.52 5.96
N PRO B 309 4.29 17.67 6.40
CA PRO B 309 2.82 17.86 6.33
C PRO B 309 2.31 17.99 4.89
N ASN B 310 3.18 18.42 4.00
CA ASN B 310 2.90 18.53 2.57
C ASN B 310 3.72 17.51 1.78
N PRO B 311 3.21 17.07 0.61
CA PRO B 311 3.97 16.14 -0.24
C PRO B 311 5.31 16.70 -0.72
N ILE B 312 6.29 15.81 -0.87
CA ILE B 312 7.60 16.13 -1.43
C ILE B 312 7.90 15.26 -2.66
N GLU B 313 8.63 15.84 -3.62
CA GLU B 313 9.05 15.16 -4.83
C GLU B 313 10.04 14.05 -4.51
N ALA B 314 9.84 12.87 -5.08
CA ALA B 314 10.75 11.74 -4.96
C ALA B 314 12.03 12.02 -5.76
N SER B 315 13.18 11.63 -5.19
CA SER B 315 14.47 11.90 -5.79
C SER B 315 15.46 10.75 -5.60
N VAL B 316 16.42 10.65 -6.52
CA VAL B 316 17.59 9.79 -6.34
C VAL B 316 18.70 10.58 -5.64
N ALA B 317 19.48 9.89 -4.82
CA ALA B 317 20.57 10.49 -4.06
C ALA B 317 21.67 11.01 -4.98
N THR B 318 21.95 12.31 -4.89
CA THR B 318 22.92 12.99 -5.76
C THR B 318 23.82 13.98 -5.01
N VAL B 319 23.30 14.56 -3.93
CA VAL B 319 24.00 15.60 -3.17
C VAL B 319 24.55 15.03 -1.86
N LEU B 320 25.87 15.08 -1.70
CA LEU B 320 26.57 14.44 -0.57
C LEU B 320 27.16 15.44 0.41
N GLY B 321 27.14 15.07 1.69
CA GLY B 321 27.76 15.84 2.78
C GLY B 321 28.88 15.03 3.40
N ILE B 322 30.12 15.39 3.06
CA ILE B 322 31.29 14.55 3.36
C ILE B 322 32.22 15.18 4.41
N ARG B 323 32.46 14.42 5.47
CA ARG B 323 33.52 14.68 6.44
C ARG B 323 34.37 13.42 6.61
N SER B 324 35.48 13.55 7.34
CA SER B 324 36.42 12.45 7.57
C SER B 324 35.84 11.30 8.41
N ASP B 325 34.96 11.65 9.35
CA ASP B 325 34.40 10.71 10.32
C ASP B 325 32.95 10.30 10.06
N TYR B 326 32.34 10.88 9.02
CA TYR B 326 30.98 10.50 8.56
C TYR B 326 30.71 10.95 7.13
N TYR B 327 30.01 10.10 6.37
CA TYR B 327 29.53 10.44 5.03
C TYR B 327 28.00 10.48 5.06
N GLN B 328 27.43 11.62 4.65
CA GLN B 328 25.99 11.84 4.78
C GLN B 328 25.28 12.15 3.45
N VAL B 329 24.04 11.64 3.33
CA VAL B 329 23.19 11.81 2.15
C VAL B 329 21.71 11.59 2.54
N SER B 330 20.76 11.97 1.67
CA SER B 330 19.34 11.72 1.89
C SER B 330 18.60 11.28 0.63
N LEU B 331 17.54 10.49 0.82
CA LEU B 331 16.66 10.04 -0.26
C LEU B 331 15.20 10.34 0.06
N SER B 332 14.51 10.99 -0.88
CA SER B 332 13.07 11.23 -0.77
C SER B 332 12.32 10.19 -1.58
N SER B 333 11.23 9.66 -1.01
CA SER B 333 10.48 8.55 -1.61
C SER B 333 8.97 8.69 -1.48
N LEU B 334 8.26 8.06 -2.42
CA LEU B 334 6.82 7.84 -2.36
C LEU B 334 6.48 6.79 -1.29
N PRO B 335 5.20 6.75 -0.83
CA PRO B 335 4.81 5.69 0.12
C PRO B 335 4.87 4.29 -0.48
N PHE B 336 5.15 3.30 0.38
CA PHE B 336 5.09 1.88 0.01
C PHE B 336 4.49 1.05 1.15
N SER B 337 3.78 -0.01 0.78
CA SER B 337 3.11 -0.87 1.74
C SER B 337 3.82 -2.21 1.94
N THR B 338 4.34 -2.78 0.85
CA THR B 338 5.23 -3.95 0.91
C THR B 338 6.61 -3.45 1.37
N PRO B 339 7.22 -4.11 2.39
CA PRO B 339 8.52 -3.65 2.88
C PRO B 339 9.64 -3.88 1.87
N PRO B 340 10.40 -2.82 1.49
CA PRO B 340 11.57 -2.98 0.64
C PRO B 340 12.72 -3.55 1.47
N PHE B 341 13.00 -4.83 1.23
CA PHE B 341 13.96 -5.60 2.04
C PHE B 341 15.33 -4.94 2.06
N SER B 342 15.88 -4.84 3.26
CA SER B 342 17.23 -4.29 3.55
C SER B 342 17.31 -2.79 3.78
N LEU B 343 16.35 -2.02 3.24
CA LEU B 343 16.30 -0.56 3.42
C LEU B 343 16.20 -0.19 4.90
N PHE B 344 15.42 -0.97 5.64
CA PHE B 344 15.35 -0.89 7.08
C PHE B 344 15.87 -2.20 7.67
N PRO B 345 16.46 -2.16 8.89
CA PRO B 345 17.08 -3.36 9.50
C PRO B 345 16.17 -4.60 9.60
N THR B 346 14.87 -4.37 9.78
CA THR B 346 13.89 -5.46 9.92
C THR B 346 12.70 -5.26 8.97
N THR B 347 12.02 -6.35 8.67
CA THR B 347 10.77 -6.35 7.89
C THR B 347 9.58 -5.87 8.73
N SER B 348 9.75 -5.88 10.05
CA SER B 348 8.73 -5.41 11.00
C SER B 348 8.62 -3.88 11.08
N TYR B 349 9.65 -3.19 10.58
CA TYR B 349 9.76 -1.72 10.61
C TYR B 349 8.50 -1.01 10.11
N PRO B 350 8.05 0.05 10.84
CA PRO B 350 6.88 0.85 10.46
C PRO B 350 6.94 1.42 9.04
N LEU B 351 5.82 1.38 8.33
CA LEU B 351 5.75 1.75 6.91
C LEU B 351 5.07 3.09 6.65
N PRO B 352 5.65 3.91 5.74
CA PRO B 352 5.10 5.24 5.46
C PRO B 352 3.89 5.21 4.52
N ASN B 353 2.86 6.00 4.86
CA ASN B 353 1.67 6.15 4.02
C ASN B 353 1.57 7.53 3.35
N SER B 354 2.43 8.46 3.78
CA SER B 354 2.68 9.71 3.06
C SER B 354 4.13 9.73 2.58
N THR B 355 4.46 10.68 1.70
CA THR B 355 5.85 10.86 1.23
C THR B 355 6.76 11.23 2.39
N PHE B 356 7.94 10.61 2.40
CA PHE B 356 8.89 10.74 3.50
C PHE B 356 10.32 10.96 3.00
N ALA B 357 11.17 11.44 3.89
CA ALA B 357 12.59 11.62 3.58
C ALA B 357 13.46 10.72 4.45
N HIS B 358 14.31 9.95 3.78
CA HIS B 358 15.23 9.03 4.42
C HIS B 358 16.62 9.69 4.50
N ILE B 359 16.91 10.26 5.67
CA ILE B 359 18.14 11.00 5.92
C ILE B 359 19.18 10.05 6.55
N VAL B 360 20.36 9.98 5.95
CA VAL B 360 21.31 8.89 6.16
C VAL B 360 22.74 9.34 6.50
N SER B 361 23.45 8.53 7.30
CA SER B 361 24.88 8.74 7.57
C SER B 361 25.69 7.43 7.62
N GLN B 362 26.93 7.50 7.14
CA GLN B 362 27.81 6.33 6.96
C GLN B 362 29.06 6.42 7.84
N VAL B 363 29.37 5.31 8.52
CA VAL B 363 30.59 5.20 9.32
C VAL B 363 31.74 4.70 8.42
N PRO B 364 32.84 5.49 8.30
CA PRO B 364 33.98 5.11 7.45
C PRO B 364 34.78 3.94 8.02
N GLY B 365 35.57 3.30 7.16
CA GLY B 365 36.29 2.07 7.49
C GLY B 365 35.57 0.87 6.93
N PRO B 366 34.85 0.11 7.76
CA PRO B 366 34.88 0.29 9.22
C PRO B 366 36.06 -0.45 9.84
N LEU B 367 36.25 -0.32 11.15
CA LEU B 367 37.27 -1.11 11.85
C LEU B 367 36.72 -2.44 12.35
N SER B 368 35.41 -2.48 12.60
CA SER B 368 34.70 -3.71 12.97
C SER B 368 34.58 -4.63 11.75
N HIS B 369 35.00 -5.88 11.93
CA HIS B 369 34.97 -6.89 10.85
C HIS B 369 34.50 -8.27 11.32
N GLY B 370 33.98 -9.04 10.36
CA GLY B 370 33.58 -10.42 10.60
C GLY B 370 34.17 -11.36 9.56
N SER B 371 33.37 -12.33 9.14
CA SER B 371 33.84 -13.40 8.23
C SER B 371 32.73 -14.02 7.38
N VAL B 372 33.15 -14.66 6.28
CA VAL B 372 32.26 -15.47 5.43
C VAL B 372 32.63 -16.95 5.66
N THR B 373 31.60 -17.74 6.00
CA THR B 373 31.73 -19.19 6.16
C THR B 373 30.65 -19.90 5.35
N LEU B 374 30.96 -21.10 4.86
CA LEU B 374 30.02 -21.89 4.04
C LEU B 374 28.89 -22.51 4.87
N ASN B 375 27.68 -22.47 4.31
CA ASN B 375 26.54 -23.18 4.88
C ASN B 375 26.45 -24.60 4.33
N SER B 376 26.73 -24.73 3.03
CA SER B 376 26.77 -26.03 2.34
C SER B 376 28.16 -26.23 1.72
N SER B 377 28.75 -27.38 2.02
CA SER B 377 30.12 -27.72 1.61
C SER B 377 30.27 -28.09 0.13
N SER B 378 29.14 -28.27 -0.57
CA SER B 378 29.13 -28.70 -1.97
C SER B 378 28.35 -27.76 -2.89
N ASP B 379 27.18 -27.31 -2.44
CA ASP B 379 26.28 -26.47 -3.24
C ASP B 379 26.69 -24.99 -3.23
N VAL B 380 26.69 -24.37 -4.41
CA VAL B 380 27.03 -22.95 -4.57
C VAL B 380 25.77 -22.05 -4.57
N ARG B 381 24.62 -22.62 -4.95
CA ARG B 381 23.33 -21.91 -4.97
C ARG B 381 22.81 -21.59 -3.57
N ILE B 382 23.18 -22.42 -2.59
CA ILE B 382 22.89 -22.17 -1.18
C ILE B 382 23.86 -21.11 -0.66
N ALA B 383 23.29 -19.99 -0.18
CA ALA B 383 24.05 -18.81 0.26
C ALA B 383 24.92 -19.10 1.50
N PRO B 384 26.17 -18.57 1.51
CA PRO B 384 27.03 -18.77 2.68
C PRO B 384 26.65 -17.89 3.86
N ASN B 385 27.05 -18.31 5.06
CA ASN B 385 26.80 -17.57 6.29
C ASN B 385 27.72 -16.37 6.42
N ILE B 386 27.15 -15.23 6.82
CA ILE B 386 27.87 -13.97 6.91
C ILE B 386 27.60 -13.22 8.23
N LYS B 387 28.68 -12.79 8.87
CA LYS B 387 28.62 -11.99 10.09
C LYS B 387 29.53 -10.77 9.91
N PHE B 388 29.07 -9.60 10.37
CA PHE B 388 29.80 -8.35 10.20
C PHE B 388 30.36 -7.76 11.50
N ASN B 389 29.77 -8.17 12.63
CA ASN B 389 30.14 -7.70 13.98
C ASN B 389 30.08 -6.17 14.14
N TYR B 390 28.90 -5.61 13.91
CA TYR B 390 28.66 -4.16 13.98
C TYR B 390 29.00 -3.60 15.34
N TYR B 391 29.81 -2.55 15.35
CA TYR B 391 30.22 -1.80 16.55
C TYR B 391 30.91 -2.62 17.66
N SER B 392 31.64 -3.65 17.24
CA SER B 392 32.51 -4.41 18.16
C SER B 392 33.74 -3.57 18.51
N ASN B 393 34.19 -2.77 17.53
CA ASN B 393 35.20 -1.74 17.73
C ASN B 393 34.54 -0.41 18.08
N SER B 394 35.10 0.28 19.08
CA SER B 394 34.49 1.49 19.66
C SER B 394 34.60 2.76 18.81
N THR B 395 35.63 2.81 17.94
CA THR B 395 35.86 3.97 17.06
C THR B 395 34.74 4.15 16.03
N ASP B 396 34.17 3.04 15.59
CA ASP B 396 32.99 3.04 14.72
C ASP B 396 31.76 3.60 15.43
N LEU B 397 31.62 3.26 16.72
CA LEU B 397 30.53 3.76 17.57
C LEU B 397 30.68 5.26 17.86
N ALA B 398 31.93 5.69 18.07
CA ALA B 398 32.26 7.10 18.27
C ALA B 398 31.98 7.94 17.03
N ASN B 399 32.33 7.40 15.87
CA ASN B 399 32.08 8.04 14.57
C ASN B 399 30.60 8.09 14.17
N CYS B 400 29.81 7.14 14.68
CA CYS B 400 28.35 7.15 14.52
C CYS B 400 27.71 8.27 15.34
N VAL B 401 28.17 8.42 16.58
CA VAL B 401 27.72 9.49 17.49
C VAL B 401 27.96 10.88 16.87
N SER B 402 29.16 11.07 16.30
CA SER B 402 29.52 12.28 15.57
C SER B 402 28.62 12.54 14.35
N GLY B 403 28.25 11.46 13.66
CA GLY B 403 27.35 11.52 12.51
C GLY B 403 25.92 11.89 12.86
N MET B 404 25.42 11.34 13.97
CA MET B 404 24.05 11.58 14.42
C MET B 404 23.84 12.98 14.99
N LYS B 405 24.85 13.47 15.71
CA LYS B 405 24.89 14.86 16.19
C LYS B 405 24.83 15.85 15.03
N LYS B 406 25.46 15.49 13.91
CA LYS B 406 25.44 16.32 12.70
C LYS B 406 24.11 16.26 11.95
N LEU B 407 23.41 15.12 12.04
CA LEU B 407 22.06 15.00 11.51
C LEU B 407 21.08 15.85 12.32
N GLY B 408 21.32 15.92 13.63
CA GLY B 408 20.63 16.85 14.54
C GLY B 408 20.80 18.30 14.09
N ASP B 409 22.04 18.67 13.80
CA ASP B 409 22.39 19.98 13.24
C ASP B 409 21.68 20.24 11.90
N LEU B 410 21.58 19.19 11.07
CA LEU B 410 20.89 19.27 9.77
C LEU B 410 19.40 19.52 9.91
N LEU B 411 18.75 18.84 10.87
CA LEU B 411 17.33 19.03 11.14
C LEU B 411 17.01 20.39 11.77
N ARG B 412 18.02 20.99 12.42
CA ARG B 412 17.90 22.31 13.05
C ARG B 412 18.04 23.48 12.09
N THR B 413 18.42 23.20 10.84
CA THR B 413 18.61 24.23 9.80
C THR B 413 17.30 24.90 9.39
N LYS B 414 17.40 26.14 8.93
CA LYS B 414 16.26 26.89 8.39
C LYS B 414 15.83 26.36 7.03
N ALA B 415 16.74 25.66 6.34
CA ALA B 415 16.46 24.97 5.08
C ALA B 415 15.49 23.80 5.25
N LEU B 416 15.62 23.09 6.37
CA LEU B 416 14.74 21.97 6.72
C LEU B 416 13.56 22.37 7.62
N GLU B 417 13.50 23.67 7.95
CA GLU B 417 12.42 24.22 8.79
C GLU B 417 10.98 24.09 8.22
N PRO B 418 10.76 24.37 6.90
CA PRO B 418 9.39 24.26 6.34
C PRO B 418 8.77 22.85 6.38
N TYR B 419 9.60 21.84 6.64
CA TYR B 419 9.17 20.44 6.61
C TYR B 419 8.87 19.88 8.00
N LYS B 420 8.73 20.78 8.96
CA LYS B 420 8.29 20.45 10.32
C LYS B 420 6.76 20.42 10.39
N ALA B 421 6.22 19.46 11.14
CA ALA B 421 4.78 19.36 11.37
C ALA B 421 4.29 20.46 12.33
N ARG B 422 4.98 20.61 13.45
CA ARG B 422 4.65 21.61 14.47
C ARG B 422 5.75 22.67 14.56
N ASP B 423 5.32 23.93 14.69
CA ASP B 423 6.24 25.08 14.71
C ASP B 423 6.87 25.34 16.09
N VAL B 424 7.19 24.26 16.80
CA VAL B 424 7.91 24.32 18.08
C VAL B 424 9.42 24.51 17.83
N LEU B 425 10.13 24.93 18.86
CA LEU B 425 11.57 25.27 18.75
C LEU B 425 12.48 24.08 18.49
N GLY B 426 12.14 22.92 19.06
CA GLY B 426 12.94 21.72 18.95
C GLY B 426 12.76 20.96 17.65
N ILE B 427 13.53 19.87 17.51
CA ILE B 427 13.44 18.97 16.34
C ILE B 427 12.31 17.94 16.48
N ASP B 428 11.67 17.91 17.66
CA ASP B 428 10.44 17.15 17.89
C ASP B 428 9.25 17.71 17.09
N GLY B 429 9.47 18.86 16.44
CA GLY B 429 8.51 19.48 15.53
C GLY B 429 8.27 18.68 14.26
N PHE B 430 9.28 17.91 13.84
CA PHE B 430 9.14 16.95 12.75
C PHE B 430 8.29 15.76 13.19
N ASN B 431 7.53 15.20 12.25
CA ASN B 431 6.92 13.89 12.44
C ASN B 431 7.88 12.82 11.94
N TYR B 432 8.03 11.76 12.72
CA TYR B 432 9.03 10.73 12.45
C TYR B 432 8.43 9.36 12.12
N LEU B 433 9.10 8.65 11.21
CA LEU B 433 8.84 7.24 10.97
C LEU B 433 9.93 6.43 11.68
N GLY B 434 9.51 5.68 12.69
CA GLY B 434 10.43 4.90 13.53
C GLY B 434 11.05 5.73 14.65
N VAL B 435 12.31 5.41 14.98
CA VAL B 435 13.01 6.04 16.09
C VAL B 435 13.63 7.39 15.69
N PRO B 436 13.31 8.47 16.42
CA PRO B 436 13.96 9.77 16.23
C PRO B 436 15.26 9.89 17.04
N LEU B 437 15.98 11.01 16.87
CA LEU B 437 17.17 11.32 17.67
C LEU B 437 16.78 11.65 19.12
N PRO B 438 17.51 11.10 20.12
CA PRO B 438 17.15 11.26 21.54
C PRO B 438 17.30 12.69 22.07
N ASP B 444 26.34 11.61 25.23
CA ASP B 444 27.00 10.57 24.43
C ASP B 444 26.35 9.20 24.61
N ALA B 445 25.88 8.91 25.84
CA ALA B 445 25.27 7.61 26.18
C ALA B 445 23.97 7.32 25.42
N SER B 446 23.19 8.37 25.17
CA SER B 446 21.92 8.27 24.44
C SER B 446 22.12 7.95 22.95
N PHE B 447 23.11 8.62 22.34
CA PHE B 447 23.44 8.43 20.93
C PHE B 447 24.10 7.08 20.65
N GLU B 448 24.83 6.55 21.64
CA GLU B 448 25.43 5.22 21.56
C GLU B 448 24.38 4.12 21.51
N THR B 449 23.34 4.27 22.32
CA THR B 449 22.20 3.33 22.36
C THR B 449 21.41 3.39 21.05
N PHE B 450 21.25 4.60 20.51
CA PHE B 450 20.58 4.83 19.23
C PHE B 450 21.33 4.19 18.06
N CYS B 451 22.66 4.34 18.06
CA CYS B 451 23.53 3.78 17.03
C CYS B 451 23.50 2.25 17.00
N LEU B 452 23.43 1.63 18.19
CA LEU B 452 23.43 0.18 18.33
C LEU B 452 22.09 -0.47 17.97
N ASP B 453 21.00 0.10 18.47
CA ASP B 453 19.65 -0.49 18.33
C ASP B 453 19.02 -0.33 16.93
N ASN B 454 19.49 0.66 16.17
CA ASN B 454 18.87 1.03 14.90
C ASN B 454 19.83 1.02 13.69
N VAL B 455 20.87 0.19 13.76
CA VAL B 455 21.85 0.07 12.68
C VAL B 455 21.34 -0.75 11.48
N ALA B 456 21.44 -0.16 10.30
CA ALA B 456 21.14 -0.84 9.03
C ALA B 456 22.44 -1.02 8.23
N SER B 457 22.38 -1.87 7.21
CA SER B 457 23.49 -2.05 6.28
C SER B 457 23.50 -0.92 5.25
N TYR B 458 24.68 -0.34 5.01
CA TYR B 458 24.83 0.66 3.95
C TYR B 458 24.85 0.03 2.55
N TRP B 459 25.02 -1.29 2.52
CA TRP B 459 25.11 -2.11 1.28
C TRP B 459 26.49 -2.08 0.64
N HIS B 460 27.40 -1.29 1.21
CA HIS B 460 28.71 -1.02 0.63
C HIS B 460 29.80 -1.96 1.18
N TYR B 461 29.38 -3.16 1.57
CA TYR B 461 30.26 -4.17 2.18
C TYR B 461 31.38 -4.64 1.27
N HIS B 462 32.50 -5.02 1.88
CA HIS B 462 33.75 -5.36 1.18
C HIS B 462 34.61 -6.33 2.01
N GLY B 463 35.59 -6.95 1.36
CA GLY B 463 36.54 -7.85 2.03
C GLY B 463 36.30 -9.34 1.78
N GLY B 464 37.13 -10.17 2.39
CA GLY B 464 37.03 -11.62 2.24
C GLY B 464 38.14 -12.26 1.41
N SER B 465 38.79 -11.43 0.58
CA SER B 465 39.96 -11.83 -0.20
C SER B 465 40.88 -10.62 -0.37
N LEU B 466 41.46 -10.18 0.75
CA LEU B 466 42.22 -8.92 0.80
C LEU B 466 43.54 -8.97 0.04
N VAL B 467 43.89 -7.84 -0.57
CA VAL B 467 45.23 -7.60 -1.09
C VAL B 467 46.16 -7.56 0.12
N GLY B 468 47.20 -8.38 0.08
CA GLY B 468 48.16 -8.50 1.19
C GLY B 468 47.77 -9.55 2.23
N LYS B 469 46.74 -10.34 1.92
CA LYS B 469 46.28 -11.44 2.78
C LYS B 469 46.01 -12.70 1.94
N VAL B 470 45.25 -12.53 0.86
CA VAL B 470 44.93 -13.60 -0.09
C VAL B 470 45.57 -13.26 -1.45
N LEU B 471 45.62 -11.98 -1.77
CA LEU B 471 46.16 -11.51 -3.05
C LEU B 471 47.43 -10.69 -2.87
N ASP B 472 48.20 -10.54 -3.95
CA ASP B 472 49.42 -9.74 -3.95
C ASP B 472 49.17 -8.34 -4.55
N ASP B 473 50.26 -7.61 -4.79
CA ASP B 473 50.29 -6.26 -5.38
C ASP B 473 49.43 -6.11 -6.65
N SER B 474 49.39 -7.16 -7.47
CA SER B 474 48.68 -7.15 -8.75
C SER B 474 47.48 -8.10 -8.80
N PHE B 475 46.83 -8.28 -7.64
CA PHE B 475 45.54 -9.01 -7.49
C PHE B 475 45.54 -10.54 -7.75
N ARG B 476 46.72 -11.13 -7.95
CA ARG B 476 46.87 -12.58 -8.11
C ARG B 476 46.76 -13.28 -6.75
N VAL B 477 46.07 -14.42 -6.72
CA VAL B 477 45.98 -15.27 -5.53
C VAL B 477 47.37 -15.88 -5.24
N MET B 478 47.82 -15.75 -4.00
CA MET B 478 49.16 -16.21 -3.59
C MET B 478 49.23 -17.73 -3.50
N GLY B 479 50.23 -18.29 -4.18
CA GLY B 479 50.43 -19.74 -4.24
C GLY B 479 49.91 -20.42 -5.50
N ILE B 480 48.97 -19.75 -6.19
CA ILE B 480 48.34 -20.28 -7.41
C ILE B 480 48.64 -19.36 -8.62
N LYS B 481 49.15 -19.96 -9.69
CA LYS B 481 49.34 -19.28 -10.98
C LYS B 481 48.05 -19.27 -11.79
N ALA B 482 47.94 -18.28 -12.69
CA ALA B 482 46.77 -18.07 -13.57
C ALA B 482 45.42 -17.84 -12.86
N LEU B 483 45.47 -17.30 -11.64
CA LEU B 483 44.27 -17.00 -10.86
C LEU B 483 44.36 -15.63 -10.19
N ARG B 484 43.36 -14.80 -10.45
CA ARG B 484 43.26 -13.44 -9.91
C ARG B 484 41.87 -13.16 -9.35
N VAL B 485 41.77 -12.15 -8.47
CA VAL B 485 40.50 -11.68 -7.94
C VAL B 485 40.37 -10.17 -8.17
N VAL B 486 39.33 -9.76 -8.90
CA VAL B 486 39.01 -8.36 -9.13
C VAL B 486 37.52 -8.10 -8.86
N ASP B 487 37.23 -7.67 -7.63
CA ASP B 487 35.89 -7.22 -7.19
C ASP B 487 35.98 -6.50 -5.84
N ALA B 488 34.84 -6.35 -5.15
CA ALA B 488 34.77 -5.66 -3.86
C ALA B 488 35.45 -6.38 -2.68
N SER B 489 35.74 -7.68 -2.84
CA SER B 489 36.39 -8.48 -1.80
C SER B 489 37.87 -8.14 -1.56
N THR B 490 38.44 -7.32 -2.45
CA THR B 490 39.88 -7.06 -2.50
C THR B 490 40.42 -6.09 -1.44
N PHE B 491 39.59 -5.16 -0.96
CA PHE B 491 40.03 -4.10 -0.03
C PHE B 491 39.33 -4.10 1.33
N PRO B 492 40.07 -3.73 2.42
CA PRO B 492 39.51 -3.71 3.78
C PRO B 492 38.78 -2.42 4.19
N TYR B 493 39.03 -1.32 3.48
CA TYR B 493 38.37 -0.05 3.72
C TYR B 493 37.73 0.49 2.44
N GLU B 494 36.80 1.43 2.59
CA GLU B 494 36.13 2.05 1.44
C GLU B 494 37.06 2.98 0.65
N PRO B 495 36.91 3.02 -0.70
CA PRO B 495 37.64 4.02 -1.49
C PRO B 495 37.02 5.42 -1.39
N ASN B 496 35.74 5.48 -1.04
CA ASN B 496 34.92 6.69 -0.98
C ASN B 496 33.55 6.36 -0.34
N SER B 497 32.69 7.38 -0.23
CA SER B 497 31.32 7.21 0.30
C SER B 497 30.46 6.25 -0.53
N HIS B 498 30.70 6.23 -1.85
CA HIS B 498 29.96 5.37 -2.78
C HIS B 498 30.92 4.69 -3.79
N PRO B 499 31.15 3.36 -3.62
CA PRO B 499 32.28 2.67 -4.23
C PRO B 499 32.05 1.99 -5.61
N GLN B 500 30.91 2.22 -6.26
CA GLN B 500 30.69 1.64 -7.60
C GLN B 500 31.68 2.20 -8.62
N GLY B 501 31.97 3.50 -8.51
CA GLY B 501 32.88 4.21 -9.40
C GLY B 501 34.30 3.69 -9.41
N PHE B 502 34.79 3.32 -8.23
CA PHE B 502 36.11 2.72 -8.07
C PHE B 502 36.20 1.31 -8.68
N TYR B 503 35.18 0.49 -8.42
CA TYR B 503 35.17 -0.90 -8.88
C TYR B 503 34.81 -1.10 -10.34
N LEU B 504 34.07 -0.12 -10.91
CA LEU B 504 33.89 -0.03 -12.36
C LEU B 504 35.22 0.32 -13.05
N MET B 505 35.97 1.23 -12.42
CA MET B 505 37.32 1.61 -12.85
C MET B 505 38.27 0.43 -12.75
N LEU B 506 38.32 -0.21 -11.57
CA LEU B 506 39.23 -1.32 -11.29
C LEU B 506 39.13 -2.47 -12.29
N GLY B 507 37.90 -2.78 -12.70
CA GLY B 507 37.61 -3.82 -13.68
C GLY B 507 38.42 -3.68 -14.96
N ARG B 508 38.26 -2.54 -15.64
CA ARG B 508 39.06 -2.23 -16.83
C ARG B 508 40.55 -2.11 -16.48
N TYR B 509 40.86 -1.41 -15.39
CA TYR B 509 42.25 -1.14 -14.97
C TYR B 509 43.14 -2.37 -14.87
N VAL B 510 42.65 -3.42 -14.19
CA VAL B 510 43.40 -4.68 -14.03
C VAL B 510 43.52 -5.39 -15.38
N GLY B 511 42.42 -5.42 -16.14
CA GLY B 511 42.41 -5.98 -17.50
C GLY B 511 43.40 -5.32 -18.43
N LEU B 512 43.41 -3.98 -18.40
CA LEU B 512 44.32 -3.16 -19.20
C LEU B 512 45.78 -3.35 -18.79
N GLN B 513 46.00 -3.61 -17.51
CA GLN B 513 47.33 -3.95 -16.99
C GLN B 513 47.76 -5.37 -17.39
N ILE B 514 46.80 -6.30 -17.42
CA ILE B 514 47.03 -7.70 -17.83
C ILE B 514 47.47 -7.80 -19.31
N LEU B 515 46.82 -7.02 -20.17
CA LEU B 515 47.17 -6.95 -21.60
C LEU B 515 48.58 -6.41 -21.84
N GLN B 516 48.99 -5.43 -21.03
CA GLN B 516 50.35 -4.89 -21.06
C GLN B 516 51.42 -5.91 -20.64
N GLU B 517 51.07 -6.79 -19.70
CA GLU B 517 51.97 -7.87 -19.24
C GLU B 517 52.31 -8.87 -20.34
N ARG B 518 51.34 -9.16 -21.22
CA ARG B 518 51.55 -10.05 -22.36
C ARG B 518 52.11 -9.29 -23.57
N SER B 519 53.22 -8.61 -23.35
CA SER B 519 53.92 -7.84 -24.38
C SER B 519 55.43 -7.84 -24.10
#